data_6FFJ
#
_entry.id   6FFJ
#
_cell.length_a   63.798
_cell.length_b   119.066
_cell.length_c   68.286
_cell.angle_alpha   90.00
_cell.angle_beta   90.22
_cell.angle_gamma   90.00
#
_symmetry.space_group_name_H-M   'P 1 21 1'
#
loop_
_entity.id
_entity.type
_entity.pdbx_description
1 polymer '14F7-derived scFv'
2 water water
#
_entity_poly.entity_id   1
_entity_poly.type   'polypeptide(L)'
_entity_poly.pdbx_seq_one_letter_code
;QVQLQQSGAELAKPGASMKMSCRASGYSFTSYWIHWLKQRPDQGLEWIGYIDPATAYTESNQKFKDKAILTADRSSNTAF
MYLNSLTSEDSAVYYCARESPRLRRGIYYYAMDYWGQGTTVTVSSKLSGSASAPKLEEGEFSEARVDIQMTQTPSSLSAS
LGDRVTISCRASQDISNYLNWYQQKPDGTVKLLIYYTSRLHSGVPSRFSGSGSGTDYSLTISNLEQEDIATYFCQQGNTL
PPTFGAGTKLELK
;
_entity_poly.pdbx_strand_id   A,C,E,G
#
# COMPACT_ATOMS: atom_id res chain seq x y z
N GLN A 1 -7.19 19.05 -15.08
CA GLN A 1 -7.40 18.18 -16.22
C GLN A 1 -7.61 16.70 -15.78
N VAL A 2 -8.65 16.09 -16.34
CA VAL A 2 -9.00 14.71 -16.00
C VAL A 2 -7.85 13.77 -16.35
N GLN A 3 -7.58 12.80 -15.47
CA GLN A 3 -6.52 11.84 -15.74
C GLN A 3 -6.82 10.47 -15.12
N LEU A 4 -6.54 9.40 -15.88
CA LEU A 4 -6.67 8.02 -15.43
C LEU A 4 -5.37 7.25 -15.74
N GLN A 5 -4.73 6.73 -14.70
CA GLN A 5 -3.43 6.06 -14.80
C GLN A 5 -3.55 4.61 -14.35
N GLN A 6 -3.29 3.66 -15.27
CA GLN A 6 -3.45 2.23 -15.03
C GLN A 6 -2.12 1.59 -14.67
N SER A 7 -2.20 0.39 -14.10
CA SER A 7 -1.04 -0.33 -13.59
C SER A 7 -0.32 -1.06 -14.72
N GLY A 8 0.88 -1.58 -14.40
CA GLY A 8 1.80 -2.05 -15.42
C GLY A 8 1.55 -3.48 -15.90
N ALA A 9 2.17 -3.80 -17.04
CA ALA A 9 1.97 -5.08 -17.70
C ALA A 9 2.37 -6.26 -16.82
N GLU A 10 1.60 -7.36 -16.89
CA GLU A 10 1.82 -8.55 -16.09
C GLU A 10 1.74 -9.81 -16.96
N LEU A 11 2.46 -10.85 -16.54
CA LEU A 11 2.22 -12.19 -17.08
C LEU A 11 1.74 -13.10 -15.95
N ALA A 12 0.98 -14.13 -16.32
CA ALA A 12 0.40 -15.04 -15.33
C ALA A 12 0.35 -16.45 -15.89
N LYS A 13 0.14 -17.41 -14.98
CA LYS A 13 -0.01 -18.84 -15.18
C LYS A 13 -1.47 -19.21 -15.42
N PRO A 14 -1.72 -20.20 -16.27
CA PRO A 14 -3.10 -20.69 -16.44
C PRO A 14 -3.66 -21.19 -15.12
N GLY A 15 -4.91 -20.84 -14.84
CA GLY A 15 -5.59 -21.28 -13.64
C GLY A 15 -5.53 -20.31 -12.46
N ALA A 16 -4.75 -19.24 -12.56
CA ALA A 16 -4.53 -18.34 -11.43
C ALA A 16 -5.51 -17.16 -11.45
N SER A 17 -5.34 -16.26 -10.48
CA SER A 17 -6.08 -15.01 -10.35
C SER A 17 -5.11 -13.84 -10.44
N MET A 18 -5.64 -12.64 -10.66
CA MET A 18 -4.80 -11.44 -10.68
C MET A 18 -5.66 -10.20 -10.42
N LYS A 19 -4.97 -9.06 -10.25
CA LYS A 19 -5.58 -7.80 -9.82
C LYS A 19 -4.87 -6.61 -10.48
N MET A 20 -5.65 -5.69 -11.08
CA MET A 20 -5.12 -4.49 -11.72
C MET A 20 -5.92 -3.26 -11.25
N SER A 21 -5.30 -2.05 -11.36
CA SER A 21 -5.84 -0.82 -10.78
C SER A 21 -5.86 0.36 -11.76
N CYS A 22 -6.68 1.36 -11.40
CA CYS A 22 -6.95 2.55 -12.22
C CYS A 22 -7.06 3.77 -11.29
N ARG A 23 -6.03 4.64 -11.26
CA ARG A 23 -5.97 5.75 -10.30
C ARG A 23 -6.38 7.08 -10.94
N ALA A 24 -7.32 7.77 -10.29
CA ALA A 24 -7.90 9.02 -10.76
C ALA A 24 -7.25 10.24 -10.13
N SER A 25 -7.08 11.31 -10.91
CA SER A 25 -6.67 12.60 -10.37
C SER A 25 -7.35 13.73 -11.15
N GLY A 26 -7.51 14.87 -10.49
CA GLY A 26 -7.96 16.10 -11.14
C GLY A 26 -9.45 16.26 -11.35
N TYR A 27 -10.27 15.65 -10.49
CA TYR A 27 -11.72 15.75 -10.58
C TYR A 27 -12.30 14.94 -9.41
N SER A 28 -13.59 15.16 -9.15
CA SER A 28 -14.27 14.48 -8.05
C SER A 28 -14.61 13.05 -8.46
N PHE A 29 -13.88 12.09 -7.86
CA PHE A 29 -13.96 10.67 -8.21
C PHE A 29 -15.36 10.08 -7.96
N THR A 30 -16.09 10.58 -6.97
CA THR A 30 -17.34 9.95 -6.56
C THR A 30 -18.54 10.42 -7.38
N SER A 31 -18.33 11.25 -8.38
CA SER A 31 -19.43 11.85 -9.12
C SER A 31 -19.71 11.20 -10.47
N TYR A 32 -18.88 10.27 -10.94
CA TYR A 32 -19.07 9.64 -12.24
C TYR A 32 -18.68 8.18 -12.16
N TRP A 33 -19.32 7.35 -12.99
CA TRP A 33 -19.05 5.92 -13.05
C TRP A 33 -17.68 5.66 -13.68
N ILE A 34 -17.09 4.50 -13.34
CA ILE A 34 -15.94 3.93 -14.05
C ILE A 34 -16.41 2.67 -14.79
N HIS A 35 -16.06 2.57 -16.09
CA HIS A 35 -16.30 1.41 -16.97
C HIS A 35 -15.02 0.60 -17.17
N TRP A 36 -15.16 -0.72 -17.44
CA TRP A 36 -14.04 -1.59 -17.82
C TRP A 36 -14.31 -2.30 -19.16
N LEU A 37 -13.27 -2.36 -20.01
CA LEU A 37 -13.38 -2.94 -21.35
C LEU A 37 -12.18 -3.82 -21.70
N LYS A 38 -12.41 -4.72 -22.66
CA LYS A 38 -11.44 -5.70 -23.15
C LYS A 38 -11.30 -5.59 -24.67
N GLN A 39 -10.07 -5.61 -25.18
CA GLN A 39 -9.82 -5.59 -26.63
C GLN A 39 -8.76 -6.62 -26.98
N ARG A 40 -9.09 -7.52 -27.91
CA ARG A 40 -8.22 -8.59 -28.35
C ARG A 40 -7.43 -8.17 -29.59
N PRO A 41 -6.37 -8.93 -29.94
CA PRO A 41 -5.58 -8.57 -31.13
C PRO A 41 -6.40 -8.41 -32.40
N ASP A 42 -6.36 -7.20 -32.97
CA ASP A 42 -7.00 -6.89 -34.26
C ASP A 42 -8.51 -7.12 -34.22
N GLN A 43 -9.14 -6.81 -33.09
CA GLN A 43 -10.58 -6.97 -32.95
C GLN A 43 -11.18 -5.70 -32.34
N GLY A 44 -12.52 -5.70 -32.26
CA GLY A 44 -13.24 -4.65 -31.58
C GLY A 44 -13.23 -4.84 -30.06
N LEU A 45 -13.85 -3.91 -29.37
CA LEU A 45 -13.91 -3.92 -27.92
C LEU A 45 -15.16 -4.66 -27.41
N GLU A 46 -15.07 -5.19 -26.19
CA GLU A 46 -16.21 -5.73 -25.44
C GLU A 46 -16.34 -5.00 -24.11
N TRP A 47 -17.57 -4.74 -23.68
CA TRP A 47 -17.83 -4.09 -22.40
C TRP A 47 -18.00 -5.12 -21.29
N ILE A 48 -17.27 -4.95 -20.19
CA ILE A 48 -17.31 -5.89 -19.05
C ILE A 48 -18.32 -5.45 -17.98
N GLY A 49 -18.29 -4.18 -17.58
CA GLY A 49 -19.22 -3.70 -16.57
C GLY A 49 -18.87 -2.28 -16.13
N TYR A 50 -19.60 -1.79 -15.12
CA TYR A 50 -19.28 -0.51 -14.49
C TYR A 50 -19.55 -0.56 -12.99
N ILE A 51 -18.90 0.35 -12.25
CA ILE A 51 -19.11 0.52 -10.81
C ILE A 51 -19.36 1.99 -10.50
N ASP A 52 -20.30 2.26 -9.58
CA ASP A 52 -20.58 3.61 -9.09
C ASP A 52 -19.78 3.86 -7.81
N PRO A 53 -18.73 4.68 -7.85
CA PRO A 53 -17.88 4.85 -6.65
C PRO A 53 -18.60 5.44 -5.45
N ALA A 54 -19.67 6.22 -5.64
CA ALA A 54 -20.32 6.83 -4.48
C ALA A 54 -21.11 5.81 -3.66
N THR A 55 -21.75 4.83 -4.32
CA THR A 55 -22.64 3.88 -3.64
C THR A 55 -22.13 2.43 -3.64
N ALA A 56 -21.11 2.10 -4.44
CA ALA A 56 -20.53 0.76 -4.57
C ALA A 56 -21.40 -0.19 -5.38
N TYR A 57 -22.47 0.29 -6.02
CA TYR A 57 -23.30 -0.57 -6.88
C TYR A 57 -22.56 -0.95 -8.16
N THR A 58 -22.79 -2.19 -8.63
CA THR A 58 -22.14 -2.68 -9.85
C THR A 58 -23.14 -3.31 -10.81
N GLU A 59 -22.80 -3.24 -12.10
CA GLU A 59 -23.54 -3.90 -13.19
C GLU A 59 -22.54 -4.65 -14.06
N SER A 60 -22.89 -5.88 -14.49
CA SER A 60 -21.98 -6.74 -15.23
C SER A 60 -22.63 -7.35 -16.47
N ASN A 61 -21.81 -7.56 -17.51
CA ASN A 61 -22.22 -8.32 -18.70
C ASN A 61 -22.35 -9.80 -18.32
N GLN A 62 -23.48 -10.41 -18.71
CA GLN A 62 -23.72 -11.83 -18.46
C GLN A 62 -22.55 -12.71 -18.88
N LYS A 63 -21.91 -12.38 -20.00
CA LYS A 63 -20.77 -13.18 -20.46
C LYS A 63 -19.58 -13.14 -19.51
N PHE A 64 -19.46 -12.12 -18.65
CA PHE A 64 -18.34 -12.01 -17.72
C PHE A 64 -18.75 -12.20 -16.25
N LYS A 65 -19.96 -12.71 -15.96
CA LYS A 65 -20.49 -12.65 -14.60
C LYS A 65 -19.76 -13.59 -13.63
N ASP A 66 -19.16 -14.67 -14.13
CA ASP A 66 -18.35 -15.57 -13.29
C ASP A 66 -16.87 -15.27 -13.36
N LYS A 67 -16.44 -14.33 -14.20
CA LYS A 67 -15.04 -14.10 -14.54
C LYS A 67 -14.41 -12.90 -13.83
N ALA A 68 -15.19 -11.85 -13.49
CA ALA A 68 -14.62 -10.57 -13.05
C ALA A 68 -15.43 -9.97 -11.90
N ILE A 69 -14.73 -9.31 -10.97
CA ILE A 69 -15.32 -8.60 -9.84
C ILE A 69 -14.74 -7.18 -9.82
N LEU A 70 -15.61 -6.16 -9.66
CA LEU A 70 -15.19 -4.75 -9.67
C LEU A 70 -15.42 -4.08 -8.31
N THR A 71 -14.41 -3.30 -7.85
CA THR A 71 -14.43 -2.57 -6.58
C THR A 71 -13.84 -1.16 -6.71
N ALA A 72 -13.98 -0.38 -5.62
CA ALA A 72 -13.54 1.01 -5.59
C ALA A 72 -13.25 1.43 -4.15
N ASP A 73 -12.25 2.29 -3.98
CA ASP A 73 -11.94 2.88 -2.66
C ASP A 73 -11.82 4.40 -2.79
N ARG A 74 -12.78 5.11 -2.18
CA ARG A 74 -12.88 6.56 -2.36
C ARG A 74 -11.68 7.31 -1.78
N SER A 75 -11.16 6.87 -0.62
CA SER A 75 -10.12 7.65 0.04
C SER A 75 -8.85 7.72 -0.81
N SER A 76 -8.51 6.64 -1.50
CA SER A 76 -7.31 6.59 -2.35
C SER A 76 -7.61 6.87 -3.83
N ASN A 77 -8.82 7.31 -4.19
CA ASN A 77 -9.18 7.67 -5.56
C ASN A 77 -8.80 6.59 -6.59
N THR A 78 -9.12 5.33 -6.28
CA THR A 78 -8.71 4.18 -7.11
C THR A 78 -9.82 3.14 -7.29
N ALA A 79 -10.01 2.66 -8.54
CA ALA A 79 -10.86 1.52 -8.87
C ALA A 79 -10.02 0.29 -9.25
N PHE A 80 -10.59 -0.92 -9.06
CA PHE A 80 -9.85 -2.17 -9.25
C PHE A 80 -10.68 -3.19 -10.07
N MET A 81 -9.99 -4.14 -10.72
CA MET A 81 -10.63 -5.30 -11.36
C MET A 81 -9.86 -6.58 -11.07
N TYR A 82 -10.58 -7.61 -10.60
CA TYR A 82 -10.01 -8.92 -10.27
C TYR A 82 -10.49 -10.00 -11.25
N LEU A 83 -9.55 -10.80 -11.80
CA LEU A 83 -9.88 -11.90 -12.71
C LEU A 83 -9.49 -13.26 -12.12
N ASN A 84 -10.25 -14.32 -12.46
CA ASN A 84 -10.00 -15.67 -11.95
C ASN A 84 -10.07 -16.72 -13.07
N SER A 85 -9.46 -17.89 -12.81
CA SER A 85 -9.47 -19.07 -13.69
C SER A 85 -8.93 -18.75 -15.09
N LEU A 86 -7.74 -18.15 -15.13
CA LEU A 86 -7.18 -17.60 -16.36
C LEU A 86 -6.88 -18.67 -17.42
N THR A 87 -7.18 -18.35 -18.68
CA THR A 87 -6.80 -19.15 -19.84
C THR A 87 -6.20 -18.25 -20.92
N SER A 88 -5.81 -18.85 -22.06
CA SER A 88 -5.17 -18.07 -23.12
C SER A 88 -6.14 -17.09 -23.78
N GLU A 89 -7.43 -17.44 -23.82
CA GLU A 89 -8.49 -16.52 -24.23
C GLU A 89 -8.49 -15.21 -23.43
N ASP A 90 -7.83 -15.18 -22.26
CA ASP A 90 -7.81 -13.98 -21.42
C ASP A 90 -6.66 -13.02 -21.74
N SER A 91 -5.69 -13.41 -22.59
CA SER A 91 -4.63 -12.50 -23.01
C SER A 91 -5.21 -11.38 -23.88
N ALA A 92 -4.98 -10.12 -23.47
CA ALA A 92 -5.66 -8.99 -24.09
C ALA A 92 -5.11 -7.68 -23.52
N VAL A 93 -5.59 -6.56 -24.08
CA VAL A 93 -5.43 -5.23 -23.49
C VAL A 93 -6.72 -4.85 -22.78
N TYR A 94 -6.62 -4.44 -21.51
CA TYR A 94 -7.77 -4.01 -20.72
C TYR A 94 -7.68 -2.50 -20.45
N TYR A 95 -8.82 -1.80 -20.54
CA TYR A 95 -8.91 -0.36 -20.38
C TYR A 95 -9.93 0.00 -19.29
N CYS A 96 -9.72 1.16 -18.66
CA CYS A 96 -10.72 1.79 -17.81
C CYS A 96 -11.08 3.15 -18.39
N ALA A 97 -12.32 3.60 -18.16
CA ALA A 97 -12.83 4.83 -18.75
C ALA A 97 -13.97 5.41 -17.92
N ARG A 98 -14.03 6.76 -17.89
CA ARG A 98 -15.03 7.52 -17.15
C ARG A 98 -16.31 7.76 -17.95
N GLU A 99 -17.45 7.73 -17.26
CA GLU A 99 -18.73 8.10 -17.85
C GLU A 99 -18.87 9.62 -17.94
N SER A 100 -19.44 10.09 -19.04
CA SER A 100 -19.66 11.51 -19.27
C SER A 100 -20.77 12.05 -18.36
N PRO A 101 -20.86 13.38 -18.20
CA PRO A 101 -22.00 13.96 -17.47
C PRO A 101 -23.33 13.60 -18.13
N ARG A 102 -24.37 13.51 -17.32
CA ARG A 102 -25.65 12.94 -17.76
C ARG A 102 -26.34 13.82 -18.80
N LEU A 103 -27.44 13.30 -19.36
CA LEU A 103 -28.31 14.06 -20.25
C LEU A 103 -29.37 14.84 -19.47
N ARG A 104 -30.00 14.18 -18.49
CA ARG A 104 -30.93 14.77 -17.53
C ARG A 104 -30.99 13.80 -16.36
N ARG A 105 -31.68 14.22 -15.29
CA ARG A 105 -31.72 13.42 -14.07
C ARG A 105 -32.23 11.99 -14.30
N GLY A 106 -31.35 11.01 -14.19
CA GLY A 106 -31.72 9.62 -14.40
C GLY A 106 -31.52 9.09 -15.81
N ILE A 107 -30.96 9.88 -16.72
CA ILE A 107 -30.82 9.50 -18.14
C ILE A 107 -29.39 9.80 -18.58
N TYR A 108 -28.60 8.74 -18.80
CA TYR A 108 -27.19 8.83 -19.20
C TYR A 108 -27.01 8.50 -20.68
N TYR A 109 -25.89 9.02 -21.26
CA TYR A 109 -25.58 8.77 -22.67
C TYR A 109 -24.89 7.43 -22.89
N TYR A 110 -24.20 6.90 -21.87
CA TYR A 110 -23.25 5.79 -22.02
C TYR A 110 -22.12 6.16 -22.99
N ALA A 111 -21.63 7.40 -22.91
CA ALA A 111 -20.48 7.86 -23.67
C ALA A 111 -19.29 8.03 -22.73
N MET A 112 -18.21 7.32 -23.03
CA MET A 112 -17.01 7.28 -22.20
C MET A 112 -16.08 8.42 -22.59
N ASP A 113 -16.00 9.46 -21.74
CA ASP A 113 -15.39 10.72 -22.17
C ASP A 113 -13.88 10.83 -21.89
N TYR A 114 -13.33 10.07 -20.95
CA TYR A 114 -11.88 10.06 -20.76
C TYR A 114 -11.41 8.63 -20.45
N TRP A 115 -10.27 8.26 -21.04
CA TRP A 115 -9.78 6.88 -21.09
C TRP A 115 -8.41 6.76 -20.44
N GLY A 116 -8.18 5.63 -19.74
CA GLY A 116 -6.83 5.27 -19.32
C GLY A 116 -6.00 4.78 -20.50
N GLN A 117 -4.76 4.35 -20.21
CA GLN A 117 -3.81 4.03 -21.27
C GLN A 117 -3.70 2.53 -21.58
N GLY A 118 -4.36 1.66 -20.83
CA GLY A 118 -4.36 0.22 -21.09
C GLY A 118 -3.32 -0.60 -20.34
N THR A 119 -3.71 -1.79 -19.90
CA THR A 119 -2.82 -2.76 -19.28
C THR A 119 -2.82 -4.04 -20.10
N THR A 120 -1.63 -4.54 -20.45
CA THR A 120 -1.49 -5.76 -21.26
C THR A 120 -1.29 -6.99 -20.39
N VAL A 121 -2.10 -8.02 -20.59
CA VAL A 121 -2.03 -9.27 -19.84
C VAL A 121 -1.63 -10.40 -20.79
N THR A 122 -0.65 -11.21 -20.38
CA THR A 122 -0.19 -12.37 -21.12
C THR A 122 -0.33 -13.61 -20.24
N VAL A 123 -1.12 -14.59 -20.69
CA VAL A 123 -1.31 -15.85 -19.97
C VAL A 123 -0.44 -16.93 -20.63
N SER A 124 0.53 -17.46 -19.90
CA SER A 124 1.43 -18.47 -20.47
C SER A 124 2.13 -19.24 -19.36
N SER A 125 2.32 -20.54 -19.59
CA SER A 125 3.03 -21.40 -18.64
C SER A 125 4.53 -21.44 -18.92
N VAL A 146 -30.96 -10.73 -26.11
CA VAL A 146 -29.96 -10.80 -27.16
C VAL A 146 -29.26 -9.45 -27.36
N ASP A 147 -27.96 -9.50 -27.66
CA ASP A 147 -27.17 -8.27 -27.84
C ASP A 147 -27.53 -7.55 -29.15
N ILE A 148 -27.35 -6.24 -29.15
CA ILE A 148 -27.51 -5.43 -30.36
C ILE A 148 -26.23 -5.48 -31.16
N GLN A 149 -26.35 -5.83 -32.45
CA GLN A 149 -25.21 -5.98 -33.34
C GLN A 149 -24.98 -4.70 -34.14
N MET A 150 -23.72 -4.24 -34.17
CA MET A 150 -23.31 -3.09 -34.97
C MET A 150 -22.44 -3.56 -36.13
N THR A 151 -22.67 -2.96 -37.30
CA THR A 151 -21.98 -3.30 -38.54
C THR A 151 -21.43 -2.01 -39.16
N GLN A 152 -20.11 -1.93 -39.32
CA GLN A 152 -19.42 -0.76 -39.83
C GLN A 152 -18.89 -1.06 -41.23
N THR A 153 -19.02 -0.09 -42.14
CA THR A 153 -18.50 -0.29 -43.49
C THR A 153 -17.84 1.00 -44.00
N PRO A 154 -16.72 0.89 -44.73
CA PRO A 154 -16.01 -0.36 -45.03
C PRO A 154 -15.01 -0.70 -43.94
N SER A 155 -14.25 -1.79 -44.11
CA SER A 155 -13.34 -2.20 -43.07
C SER A 155 -12.06 -1.39 -43.07
N SER A 156 -11.60 -0.92 -44.24
CA SER A 156 -10.53 0.06 -44.32
C SER A 156 -10.77 0.96 -45.52
N LEU A 157 -10.10 2.12 -45.51
CA LEU A 157 -10.38 3.16 -46.49
C LEU A 157 -9.17 4.06 -46.59
N SER A 158 -8.66 4.26 -47.80
CA SER A 158 -7.49 5.11 -48.02
C SER A 158 -7.90 6.43 -48.65
N ALA A 159 -7.14 7.48 -48.34
CA ALA A 159 -7.43 8.81 -48.85
C ALA A 159 -6.16 9.65 -48.80
N SER A 160 -6.21 10.83 -49.41
CA SER A 160 -5.09 11.76 -49.45
C SER A 160 -5.41 13.03 -48.65
N LEU A 161 -4.38 13.78 -48.31
CA LEU A 161 -4.58 14.99 -47.51
C LEU A 161 -5.53 15.95 -48.22
N GLY A 162 -6.35 16.65 -47.43
CA GLY A 162 -7.30 17.60 -47.95
C GLY A 162 -8.57 17.00 -48.53
N ASP A 163 -8.76 15.69 -48.45
CA ASP A 163 -9.99 15.11 -48.98
C ASP A 163 -11.12 15.17 -47.95
N ARG A 164 -12.33 14.92 -48.44
CA ARG A 164 -13.49 14.70 -47.60
C ARG A 164 -13.81 13.20 -47.62
N VAL A 165 -14.11 12.63 -46.45
CA VAL A 165 -14.30 11.19 -46.27
C VAL A 165 -15.50 10.95 -45.35
N THR A 166 -16.27 9.89 -45.61
CA THR A 166 -17.42 9.51 -44.81
C THR A 166 -17.40 8.01 -44.50
N ILE A 167 -17.76 7.62 -43.26
CA ILE A 167 -17.88 6.21 -42.88
C ILE A 167 -19.26 5.90 -42.29
N SER A 168 -19.71 4.65 -42.47
CA SER A 168 -21.09 4.26 -42.17
C SER A 168 -21.17 3.25 -41.02
N CYS A 169 -22.34 3.23 -40.35
CA CYS A 169 -22.58 2.38 -39.20
C CYS A 169 -24.06 2.02 -39.11
N ARG A 170 -24.38 0.73 -38.98
CA ARG A 170 -25.76 0.24 -38.88
C ARG A 170 -25.93 -0.62 -37.63
N ALA A 171 -27.10 -0.50 -36.98
CA ALA A 171 -27.45 -1.32 -35.82
C ALA A 171 -28.63 -2.23 -36.15
N SER A 172 -28.75 -3.32 -35.39
CA SER A 172 -29.80 -4.29 -35.70
C SER A 172 -31.17 -3.88 -35.15
N GLN A 173 -31.29 -2.75 -34.46
CA GLN A 173 -32.56 -2.31 -33.89
C GLN A 173 -32.50 -0.79 -33.74
N ASP A 174 -33.68 -0.17 -33.69
CA ASP A 174 -33.76 1.27 -33.48
C ASP A 174 -33.06 1.65 -32.18
N ILE A 175 -32.00 2.46 -32.26
CA ILE A 175 -31.26 2.89 -31.07
C ILE A 175 -31.56 4.34 -30.69
N SER A 176 -32.55 4.98 -31.32
CA SER A 176 -33.08 6.28 -30.87
C SER A 176 -31.97 7.31 -30.60
N ASN A 177 -31.02 7.42 -31.53
CA ASN A 177 -29.97 8.44 -31.56
C ASN A 177 -28.88 8.31 -30.50
N TYR A 178 -28.91 7.26 -29.65
CA TYR A 178 -27.83 7.08 -28.68
C TYR A 178 -26.65 6.37 -29.36
N LEU A 179 -25.91 7.13 -30.18
CA LEU A 179 -24.80 6.62 -30.98
C LEU A 179 -23.57 7.51 -30.77
N ASN A 180 -22.40 6.89 -30.49
CA ASN A 180 -21.18 7.60 -30.12
C ASN A 180 -20.01 7.11 -30.99
N TRP A 181 -18.97 7.96 -31.16
CA TRP A 181 -17.82 7.71 -32.04
C TRP A 181 -16.47 7.96 -31.34
N TYR A 182 -15.51 7.03 -31.49
CA TYR A 182 -14.20 7.09 -30.84
C TYR A 182 -13.05 6.94 -31.85
N GLN A 183 -11.87 7.46 -31.47
CA GLN A 183 -10.66 7.38 -32.30
C GLN A 183 -9.52 6.73 -31.51
N GLN A 184 -8.89 5.71 -32.10
CA GLN A 184 -7.77 4.99 -31.52
C GLN A 184 -6.55 5.11 -32.44
N LYS A 185 -5.40 5.53 -31.85
CA LYS A 185 -4.12 5.74 -32.53
C LYS A 185 -3.21 4.50 -32.41
N PRO A 186 -2.21 4.39 -33.29
CA PRO A 186 -1.31 3.22 -33.27
C PRO A 186 -0.70 2.88 -31.93
N ASP A 187 -0.51 3.85 -31.03
CA ASP A 187 0.12 3.55 -29.75
C ASP A 187 -0.89 3.20 -28.65
N GLY A 188 -2.17 3.02 -29.00
CA GLY A 188 -3.20 2.59 -28.06
C GLY A 188 -4.11 3.68 -27.54
N THR A 189 -3.64 4.93 -27.50
CA THR A 189 -4.45 6.07 -27.04
C THR A 189 -5.85 6.08 -27.65
N VAL A 190 -6.88 6.15 -26.77
CA VAL A 190 -8.28 6.26 -27.20
C VAL A 190 -8.86 7.61 -26.76
N LYS A 191 -9.69 8.21 -27.62
CA LYS A 191 -10.42 9.44 -27.28
C LYS A 191 -11.83 9.45 -27.88
N LEU A 192 -12.73 10.17 -27.20
CA LEU A 192 -14.08 10.43 -27.68
C LEU A 192 -14.11 11.64 -28.61
N LEU A 193 -14.76 11.48 -29.77
CA LEU A 193 -14.92 12.57 -30.74
C LEU A 193 -16.33 13.14 -30.75
N ILE A 194 -17.37 12.30 -30.86
CA ILE A 194 -18.76 12.72 -31.00
C ILE A 194 -19.67 11.82 -30.14
N TYR A 195 -20.70 12.42 -29.51
CA TYR A 195 -21.65 11.68 -28.68
C TYR A 195 -23.08 12.08 -29.06
N TYR A 196 -24.01 11.12 -28.91
CA TYR A 196 -25.44 11.36 -29.16
C TYR A 196 -25.70 11.82 -30.60
N THR A 197 -25.06 11.16 -31.56
CA THR A 197 -25.17 11.32 -33.03
C THR A 197 -24.39 12.52 -33.59
N SER A 198 -24.48 13.71 -32.97
CA SER A 198 -23.91 14.90 -33.59
C SER A 198 -23.25 15.92 -32.64
N ARG A 199 -22.98 15.57 -31.39
CA ARG A 199 -22.42 16.54 -30.43
C ARG A 199 -20.90 16.38 -30.34
N LEU A 200 -20.17 17.47 -30.56
CA LEU A 200 -18.71 17.46 -30.41
C LEU A 200 -18.33 17.49 -28.95
N HIS A 201 -17.29 16.72 -28.60
CA HIS A 201 -16.66 16.72 -27.27
C HIS A 201 -15.64 17.85 -27.15
N SER A 202 -15.28 18.18 -25.90
CA SER A 202 -14.35 19.27 -25.60
C SER A 202 -13.03 19.11 -26.37
N GLY A 203 -12.63 20.18 -27.07
CA GLY A 203 -11.38 20.20 -27.79
C GLY A 203 -11.38 19.58 -29.18
N VAL A 204 -12.51 19.06 -29.66
CA VAL A 204 -12.56 18.42 -30.98
C VAL A 204 -12.70 19.47 -32.08
N PRO A 205 -11.79 19.53 -33.05
CA PRO A 205 -11.95 20.52 -34.14
C PRO A 205 -13.20 20.25 -34.97
N SER A 206 -13.88 21.33 -35.36
CA SER A 206 -15.19 21.27 -36.00
C SER A 206 -15.14 20.77 -37.46
N ARG A 207 -14.06 20.21 -37.97
CA ARG A 207 -14.13 19.53 -39.25
C ARG A 207 -14.72 18.12 -39.13
N PHE A 208 -14.97 17.65 -37.89
CA PHE A 208 -15.66 16.41 -37.59
C PHE A 208 -17.16 16.66 -37.43
N SER A 209 -18.00 15.86 -38.10
CA SER A 209 -19.44 15.96 -37.94
C SER A 209 -20.09 14.58 -38.13
N GLY A 210 -21.32 14.45 -37.64
CA GLY A 210 -22.03 13.19 -37.75
C GLY A 210 -23.53 13.38 -37.83
N SER A 211 -24.21 12.35 -38.33
CA SER A 211 -25.65 12.43 -38.59
C SER A 211 -26.25 11.02 -38.64
N GLY A 212 -27.57 10.96 -38.57
CA GLY A 212 -28.26 9.68 -38.72
C GLY A 212 -29.58 9.69 -37.96
N SER A 213 -30.32 8.57 -38.10
CA SER A 213 -31.49 8.29 -37.25
C SER A 213 -31.92 6.84 -37.42
N GLY A 214 -32.76 6.39 -36.49
CA GLY A 214 -33.26 5.02 -36.53
C GLY A 214 -32.18 3.98 -36.38
N THR A 215 -31.87 3.26 -37.47
CA THR A 215 -30.83 2.23 -37.49
C THR A 215 -29.57 2.63 -38.26
N ASP A 216 -29.54 3.82 -38.89
CA ASP A 216 -28.49 4.16 -39.85
C ASP A 216 -27.81 5.49 -39.50
N TYR A 217 -26.47 5.48 -39.44
CA TYR A 217 -25.66 6.62 -38.95
C TYR A 217 -24.38 6.73 -39.77
N SER A 218 -23.75 7.92 -39.72
CA SER A 218 -22.49 8.16 -40.45
C SER A 218 -21.64 9.23 -39.75
N LEU A 219 -20.30 9.14 -39.95
CA LEU A 219 -19.33 10.17 -39.59
C LEU A 219 -18.60 10.72 -40.83
N THR A 220 -18.37 12.04 -40.87
CA THR A 220 -17.73 12.71 -42.01
C THR A 220 -16.55 13.58 -41.52
N ILE A 221 -15.39 13.41 -42.17
CA ILE A 221 -14.19 14.22 -41.89
C ILE A 221 -13.90 15.12 -43.09
N SER A 222 -13.95 16.44 -42.88
CA SER A 222 -13.64 17.42 -43.91
C SER A 222 -12.18 17.87 -43.79
N ASN A 223 -11.50 18.00 -44.94
CA ASN A 223 -10.15 18.53 -45.03
C ASN A 223 -9.17 17.75 -44.15
N LEU A 224 -9.01 16.48 -44.53
CA LEU A 224 -8.18 15.53 -43.81
C LEU A 224 -6.79 16.11 -43.48
N GLU A 225 -6.29 15.78 -42.30
CA GLU A 225 -4.94 16.12 -41.85
C GLU A 225 -4.22 14.85 -41.42
N GLN A 226 -2.88 14.90 -41.41
CA GLN A 226 -2.12 13.69 -41.13
C GLN A 226 -2.27 13.21 -39.69
N GLU A 227 -2.72 14.06 -38.76
CA GLU A 227 -2.97 13.59 -37.42
C GLU A 227 -4.30 12.84 -37.30
N ASP A 228 -5.08 12.78 -38.38
CA ASP A 228 -6.34 12.06 -38.39
C ASP A 228 -6.19 10.59 -38.77
N ILE A 229 -4.98 10.15 -39.10
CA ILE A 229 -4.75 8.78 -39.54
C ILE A 229 -4.85 7.84 -38.35
N ALA A 230 -5.85 6.95 -38.35
CA ALA A 230 -6.18 6.11 -37.20
C ALA A 230 -7.30 5.11 -37.49
N THR A 231 -7.84 4.46 -36.45
CA THR A 231 -8.97 3.55 -36.56
C THR A 231 -10.17 4.11 -35.81
N TYR A 232 -11.36 3.96 -36.38
CA TYR A 232 -12.58 4.63 -35.89
C TYR A 232 -13.65 3.60 -35.51
N PHE A 233 -14.25 3.75 -34.31
CA PHE A 233 -15.28 2.85 -33.77
C PHE A 233 -16.61 3.59 -33.48
N CYS A 234 -17.74 2.96 -33.84
CA CYS A 234 -19.08 3.38 -33.37
C CYS A 234 -19.57 2.46 -32.23
N GLN A 235 -20.54 2.96 -31.46
CA GLN A 235 -21.01 2.30 -30.23
C GLN A 235 -22.42 2.76 -29.84
N GLN A 236 -23.35 1.82 -29.61
CA GLN A 236 -24.66 2.19 -29.10
C GLN A 236 -24.70 2.14 -27.58
N GLY A 237 -25.45 3.08 -26.99
CA GLY A 237 -25.73 3.05 -25.56
C GLY A 237 -27.21 3.20 -25.31
N ASN A 238 -28.05 2.56 -26.13
CA ASN A 238 -29.48 2.58 -25.86
C ASN A 238 -29.86 1.58 -24.77
N THR A 239 -29.38 0.33 -24.88
CA THR A 239 -29.76 -0.76 -23.98
C THR A 239 -28.52 -1.56 -23.57
N LEU A 240 -28.54 -2.11 -22.33
CA LEU A 240 -27.38 -2.83 -21.82
C LEU A 240 -27.35 -4.26 -22.38
N PRO A 241 -26.16 -4.79 -22.69
CA PRO A 241 -24.84 -4.14 -22.55
C PRO A 241 -24.44 -3.29 -23.77
N PRO A 242 -23.61 -2.26 -23.57
CA PRO A 242 -23.10 -1.48 -24.71
C PRO A 242 -22.31 -2.36 -25.66
N THR A 243 -22.49 -2.14 -26.97
CA THR A 243 -21.80 -2.91 -27.99
C THR A 243 -21.15 -2.01 -29.02
N PHE A 244 -20.06 -2.51 -29.61
CA PHE A 244 -19.18 -1.74 -30.48
C PHE A 244 -19.17 -2.32 -31.89
N GLY A 245 -18.77 -1.49 -32.87
CA GLY A 245 -18.50 -1.98 -34.21
C GLY A 245 -17.07 -2.51 -34.34
N ALA A 246 -16.79 -3.16 -35.47
CA ALA A 246 -15.50 -3.82 -35.66
C ALA A 246 -14.38 -2.90 -36.18
N GLY A 247 -14.69 -1.67 -36.58
CA GLY A 247 -13.68 -0.65 -36.85
C GLY A 247 -13.49 -0.38 -38.35
N THR A 248 -13.12 0.87 -38.67
CA THR A 248 -12.66 1.29 -39.99
C THR A 248 -11.28 1.93 -39.88
N LYS A 249 -10.30 1.33 -40.56
CA LYS A 249 -8.93 1.84 -40.58
C LYS A 249 -8.74 2.82 -41.74
N LEU A 250 -8.38 4.07 -41.42
CA LEU A 250 -8.24 5.14 -42.40
C LEU A 250 -6.75 5.43 -42.63
N GLU A 251 -6.31 5.33 -43.89
CA GLU A 251 -4.90 5.40 -44.26
C GLU A 251 -4.68 6.38 -45.41
N LEU A 252 -3.41 6.78 -45.59
CA LEU A 252 -3.05 7.71 -46.67
C LEU A 252 -3.03 7.05 -48.06
N GLN B 1 -19.35 -4.40 24.91
CA GLN B 1 -20.29 -3.69 24.05
C GLN B 1 -19.84 -3.80 22.58
N VAL B 2 -18.67 -4.39 22.39
CA VAL B 2 -18.17 -4.72 21.07
C VAL B 2 -19.03 -5.83 20.46
N GLN B 3 -19.46 -5.62 19.22
CA GLN B 3 -20.37 -6.55 18.52
C GLN B 3 -20.07 -6.58 17.02
N LEU B 4 -19.95 -7.79 16.47
CA LEU B 4 -19.88 -8.03 15.03
C LEU B 4 -21.10 -8.85 14.59
N GLN B 5 -21.76 -8.41 13.52
CA GLN B 5 -23.03 -8.96 13.07
C GLN B 5 -22.92 -9.38 11.60
N GLN B 6 -23.12 -10.67 11.32
CA GLN B 6 -22.89 -11.24 10.00
C GLN B 6 -24.20 -11.44 9.21
N SER B 7 -24.10 -11.37 7.88
CA SER B 7 -25.27 -11.54 7.02
C SER B 7 -25.74 -13.01 7.02
N GLY B 8 -26.91 -13.25 6.39
CA GLY B 8 -27.64 -14.50 6.55
C GLY B 8 -27.17 -15.63 5.63
N ALA B 9 -27.64 -16.85 5.95
CA ALA B 9 -27.29 -18.05 5.20
C ALA B 9 -27.62 -17.90 3.72
N GLU B 10 -26.84 -18.55 2.86
CA GLU B 10 -26.99 -18.43 1.41
C GLU B 10 -26.79 -19.77 0.71
N LEU B 11 -27.57 -19.99 -0.33
CA LEU B 11 -27.44 -21.13 -1.23
C LEU B 11 -26.88 -20.66 -2.56
N ALA B 12 -25.95 -21.43 -3.13
CA ALA B 12 -25.26 -21.02 -4.36
C ALA B 12 -25.11 -22.18 -5.33
N LYS B 13 -25.06 -21.83 -6.63
CA LYS B 13 -24.87 -22.77 -7.73
C LYS B 13 -23.38 -23.04 -7.95
N PRO B 14 -23.01 -24.27 -8.29
CA PRO B 14 -21.59 -24.57 -8.58
C PRO B 14 -21.04 -23.69 -9.69
N GLY B 15 -19.89 -23.06 -9.43
CA GLY B 15 -19.24 -22.22 -10.42
C GLY B 15 -19.51 -20.73 -10.31
N ALA B 16 -20.36 -20.31 -9.38
CA ALA B 16 -20.72 -18.90 -9.24
C ALA B 16 -19.76 -18.17 -8.31
N SER B 17 -20.06 -16.89 -8.05
CA SER B 17 -19.39 -16.04 -7.07
C SER B 17 -20.43 -15.52 -6.08
N MET B 18 -19.96 -15.15 -4.88
CA MET B 18 -20.87 -14.60 -3.88
C MET B 18 -20.12 -13.65 -2.94
N LYS B 19 -20.90 -12.86 -2.19
CA LYS B 19 -20.38 -11.87 -1.25
C LYS B 19 -21.11 -11.99 0.10
N MET B 20 -20.39 -11.80 1.21
CA MET B 20 -20.95 -11.79 2.56
C MET B 20 -20.41 -10.58 3.32
N SER B 21 -21.04 -10.23 4.46
CA SER B 21 -20.67 -9.01 5.17
C SER B 21 -20.63 -9.18 6.70
N CYS B 22 -19.93 -8.24 7.36
CA CYS B 22 -19.61 -8.26 8.80
C CYS B 22 -19.64 -6.80 9.30
N ARG B 23 -20.72 -6.42 10.00
CA ARG B 23 -20.86 -5.05 10.50
C ARG B 23 -20.45 -4.93 11.97
N ALA B 24 -19.68 -3.88 12.29
CA ALA B 24 -19.11 -3.65 13.61
C ALA B 24 -19.82 -2.51 14.34
N SER B 25 -19.95 -2.64 15.66
CA SER B 25 -20.45 -1.54 16.49
C SER B 25 -19.76 -1.56 17.87
N GLY B 26 -19.83 -0.41 18.55
CA GLY B 26 -19.33 -0.29 19.92
C GLY B 26 -17.87 0.10 20.11
N TYR B 27 -17.20 0.58 19.08
CA TYR B 27 -15.78 0.96 19.13
C TYR B 27 -15.45 1.66 17.80
N SER B 28 -14.22 2.19 17.71
CA SER B 28 -13.78 2.91 16.51
C SER B 28 -13.26 1.93 15.45
N PHE B 29 -14.00 1.80 14.34
CA PHE B 29 -13.85 0.67 13.41
C PHE B 29 -12.48 0.63 12.73
N THR B 30 -11.97 1.78 12.27
CA THR B 30 -10.72 1.77 11.50
C THR B 30 -9.48 1.45 12.35
N SER B 31 -9.60 1.33 13.67
CA SER B 31 -8.43 1.16 14.54
C SER B 31 -8.05 -0.30 14.84
N TYR B 32 -8.81 -1.31 14.36
CA TYR B 32 -8.51 -2.71 14.67
C TYR B 32 -8.60 -3.55 13.39
N TRP B 33 -7.71 -4.54 13.24
CA TRP B 33 -7.76 -5.47 12.11
C TRP B 33 -8.97 -6.40 12.23
N ILE B 34 -9.38 -7.00 11.08
CA ILE B 34 -10.46 -7.99 11.03
C ILE B 34 -9.94 -9.26 10.36
N HIS B 35 -10.14 -10.42 11.02
CA HIS B 35 -9.79 -11.75 10.52
C HIS B 35 -11.01 -12.46 9.90
N TRP B 36 -10.75 -13.40 8.97
CA TRP B 36 -11.77 -14.32 8.44
C TRP B 36 -11.31 -15.78 8.52
N LEU B 37 -12.23 -16.70 8.89
CA LEU B 37 -11.92 -18.10 9.17
C LEU B 37 -13.02 -19.05 8.67
N LYS B 38 -12.64 -20.34 8.44
CA LYS B 38 -13.52 -21.38 7.88
C LYS B 38 -13.60 -22.63 8.78
N GLN B 39 -14.81 -23.20 8.95
CA GLN B 39 -15.02 -24.42 9.76
C GLN B 39 -16.00 -25.39 9.11
N ARG B 40 -15.57 -26.63 8.86
CA ARG B 40 -16.44 -27.69 8.34
C ARG B 40 -16.97 -28.57 9.48
N PRO B 41 -18.00 -29.41 9.20
CA PRO B 41 -18.60 -30.24 10.28
C PRO B 41 -17.60 -31.02 11.11
N ASP B 42 -17.66 -30.81 12.43
CA ASP B 42 -16.91 -31.59 13.43
C ASP B 42 -15.39 -31.50 13.24
N GLN B 43 -14.90 -30.30 12.94
CA GLN B 43 -13.48 -30.10 12.71
C GLN B 43 -13.04 -28.78 13.34
N GLY B 44 -11.73 -28.53 13.29
CA GLY B 44 -11.18 -27.27 13.71
C GLY B 44 -11.29 -26.20 12.64
N LEU B 45 -10.66 -25.08 12.92
CA LEU B 45 -10.78 -23.89 12.09
C LEU B 45 -9.54 -23.67 11.21
N GLU B 46 -9.76 -23.06 10.04
CA GLU B 46 -8.72 -22.60 9.12
C GLU B 46 -8.75 -21.08 8.98
N TRP B 47 -7.57 -20.45 9.05
CA TRP B 47 -7.43 -19.01 8.85
C TRP B 47 -7.38 -18.66 7.36
N ILE B 48 -8.22 -17.71 6.92
CA ILE B 48 -8.24 -17.29 5.50
C ILE B 48 -7.34 -16.08 5.25
N GLY B 49 -7.46 -15.04 6.07
CA GLY B 49 -6.61 -13.86 5.99
C GLY B 49 -7.15 -12.74 6.86
N TYR B 50 -6.47 -11.58 6.83
CA TYR B 50 -6.97 -10.40 7.54
C TYR B 50 -6.80 -9.14 6.69
N ILE B 51 -7.57 -8.09 7.06
CA ILE B 51 -7.51 -6.77 6.44
C ILE B 51 -7.33 -5.70 7.53
N ASP B 52 -6.56 -4.64 7.18
CA ASP B 52 -6.41 -3.42 7.97
C ASP B 52 -7.35 -2.36 7.41
N PRO B 53 -8.46 -2.04 8.08
CA PRO B 53 -9.44 -1.13 7.46
C PRO B 53 -8.97 0.30 7.33
N ALA B 54 -7.96 0.74 8.11
CA ALA B 54 -7.45 2.10 7.95
C ALA B 54 -6.77 2.29 6.59
N THR B 55 -6.05 1.26 6.08
CA THR B 55 -5.25 1.38 4.86
C THR B 55 -5.68 0.51 3.67
N ALA B 56 -6.61 -0.43 3.84
CA ALA B 56 -7.03 -1.44 2.87
C ALA B 56 -5.99 -2.52 2.61
N TYR B 57 -4.82 -2.49 3.26
CA TYR B 57 -3.83 -3.55 3.11
C TYR B 57 -4.36 -4.88 3.66
N THR B 58 -4.07 -5.98 2.94
CA THR B 58 -4.54 -7.31 3.31
C THR B 58 -3.40 -8.32 3.22
N GLU B 59 -3.52 -9.39 4.02
CA GLU B 59 -2.60 -10.52 4.05
C GLU B 59 -3.41 -11.80 3.96
N SER B 60 -2.94 -12.78 3.17
CA SER B 60 -3.73 -13.95 2.83
C SER B 60 -2.96 -15.26 3.01
N ASN B 61 -3.65 -16.27 3.53
CA ASN B 61 -3.16 -17.64 3.50
C ASN B 61 -2.96 -18.12 2.07
N GLN B 62 -1.83 -18.78 1.82
CA GLN B 62 -1.48 -19.21 0.47
C GLN B 62 -2.52 -20.14 -0.14
N LYS B 63 -3.21 -20.95 0.71
CA LYS B 63 -4.18 -21.92 0.21
C LYS B 63 -5.45 -21.27 -0.30
N PHE B 64 -5.72 -20.01 0.05
CA PHE B 64 -6.92 -19.32 -0.39
C PHE B 64 -6.63 -18.15 -1.33
N LYS B 65 -5.42 -18.09 -1.92
CA LYS B 65 -5.02 -16.93 -2.72
C LYS B 65 -5.77 -16.83 -4.05
N ASP B 66 -6.26 -17.94 -4.61
CA ASP B 66 -7.06 -17.88 -5.84
C ASP B 66 -8.55 -18.01 -5.59
N LYS B 67 -8.99 -18.03 -4.32
CA LYS B 67 -10.38 -18.28 -3.97
C LYS B 67 -11.10 -17.10 -3.33
N ALA B 68 -10.41 -16.24 -2.57
CA ALA B 68 -11.08 -15.25 -1.74
C ALA B 68 -10.48 -13.85 -1.93
N ILE B 69 -11.28 -12.81 -1.59
CA ILE B 69 -10.91 -11.39 -1.71
C ILE B 69 -11.53 -10.60 -0.56
N LEU B 70 -10.74 -9.77 0.14
CA LEU B 70 -11.20 -9.05 1.34
C LEU B 70 -11.19 -7.53 1.11
N THR B 71 -12.26 -6.84 1.53
CA THR B 71 -12.40 -5.38 1.42
C THR B 71 -13.16 -4.81 2.63
N ALA B 72 -13.22 -3.47 2.71
CA ALA B 72 -13.90 -2.78 3.81
C ALA B 72 -14.32 -1.37 3.41
N ASP B 73 -15.42 -0.90 4.00
CA ASP B 73 -15.95 0.45 3.74
C ASP B 73 -16.12 1.23 5.04
N ARG B 74 -15.21 2.18 5.31
CA ARG B 74 -15.22 2.87 6.59
C ARG B 74 -16.42 3.78 6.78
N SER B 75 -17.10 4.19 5.72
CA SER B 75 -18.29 5.01 5.93
C SER B 75 -19.51 4.21 6.41
N SER B 76 -19.46 2.88 6.40
CA SER B 76 -20.56 2.09 6.96
C SER B 76 -20.11 1.05 7.99
N ASN B 77 -18.85 1.10 8.45
CA ASN B 77 -18.32 0.19 9.47
C ASN B 77 -18.49 -1.29 9.09
N THR B 78 -18.30 -1.61 7.80
CA THR B 78 -18.55 -2.97 7.30
C THR B 78 -17.34 -3.52 6.53
N ALA B 79 -16.97 -4.77 6.82
CA ALA B 79 -16.02 -5.55 6.03
C ALA B 79 -16.75 -6.58 5.17
N PHE B 80 -16.14 -6.97 4.03
CA PHE B 80 -16.72 -7.95 3.11
C PHE B 80 -15.70 -9.03 2.74
N MET B 81 -16.20 -10.20 2.32
CA MET B 81 -15.38 -11.25 1.72
C MET B 81 -16.11 -11.86 0.51
N TYR B 82 -15.39 -11.99 -0.62
CA TYR B 82 -15.88 -12.60 -1.86
C TYR B 82 -15.26 -13.99 -2.04
N LEU B 83 -16.05 -14.95 -2.57
CA LEU B 83 -15.59 -16.28 -2.91
C LEU B 83 -16.02 -16.59 -4.34
N ASN B 84 -15.10 -17.12 -5.16
CA ASN B 84 -15.36 -17.40 -6.58
C ASN B 84 -15.14 -18.88 -6.89
N SER B 85 -15.60 -19.29 -8.08
CA SER B 85 -15.46 -20.66 -8.62
C SER B 85 -15.92 -21.73 -7.61
N LEU B 86 -17.13 -21.55 -7.09
CA LEU B 86 -17.64 -22.34 -5.97
C LEU B 86 -17.76 -23.84 -6.29
N THR B 87 -17.34 -24.68 -5.34
CA THR B 87 -17.49 -26.14 -5.42
C THR B 87 -18.10 -26.68 -4.12
N SER B 88 -18.34 -28.00 -4.09
CA SER B 88 -18.97 -28.60 -2.91
C SER B 88 -18.05 -28.58 -1.69
N GLU B 89 -16.72 -28.60 -1.90
CA GLU B 89 -15.79 -28.48 -0.77
C GLU B 89 -15.74 -27.09 -0.16
N ASP B 90 -16.52 -26.14 -0.68
CA ASP B 90 -16.62 -24.80 -0.12
C ASP B 90 -17.82 -24.62 0.82
N SER B 91 -18.74 -25.61 0.88
CA SER B 91 -19.83 -25.56 1.84
C SER B 91 -19.26 -25.68 3.26
N ALA B 92 -19.66 -24.76 4.16
CA ALA B 92 -19.10 -24.64 5.51
C ALA B 92 -19.67 -23.42 6.25
N VAL B 93 -19.29 -23.26 7.54
CA VAL B 93 -19.55 -22.03 8.30
C VAL B 93 -18.33 -21.12 8.20
N TYR B 94 -18.55 -19.81 8.00
CA TYR B 94 -17.49 -18.80 7.92
C TYR B 94 -17.69 -17.73 8.99
N TYR B 95 -16.60 -17.36 9.70
CA TYR B 95 -16.63 -16.38 10.79
C TYR B 95 -15.76 -15.14 10.50
N CYS B 96 -16.18 -13.96 10.99
CA CYS B 96 -15.28 -12.82 11.22
C CYS B 96 -15.00 -12.66 12.73
N ALA B 97 -13.82 -12.11 13.05
CA ALA B 97 -13.36 -11.88 14.43
C ALA B 97 -12.31 -10.77 14.49
N ARG B 98 -12.30 -10.02 15.61
CA ARG B 98 -11.44 -8.83 15.78
C ARG B 98 -10.09 -9.17 16.41
N GLU B 99 -9.04 -8.45 15.97
CA GLU B 99 -7.70 -8.58 16.55
C GLU B 99 -7.61 -7.82 17.87
N SER B 100 -6.98 -8.45 18.89
CA SER B 100 -6.92 -7.81 20.21
C SER B 100 -5.90 -6.66 20.23
N PRO B 101 -6.00 -5.75 21.21
CA PRO B 101 -5.12 -4.56 21.23
C PRO B 101 -3.64 -4.88 21.42
N ARG B 102 -2.78 -4.07 20.79
CA ARG B 102 -1.34 -4.08 21.05
C ARG B 102 -1.08 -3.55 22.47
N LEU B 103 -0.40 -4.36 23.30
CA LEU B 103 -0.11 -3.97 24.68
C LEU B 103 1.34 -3.59 24.94
N ARG B 104 2.27 -4.05 24.11
CA ARG B 104 3.68 -3.70 24.23
C ARG B 104 4.27 -3.43 22.84
N ARG B 105 5.12 -2.41 22.76
CA ARG B 105 5.75 -2.03 21.50
C ARG B 105 6.50 -3.20 20.86
N GLY B 106 6.14 -3.50 19.61
CA GLY B 106 6.78 -4.55 18.84
C GLY B 106 6.35 -5.99 19.13
N ILE B 107 5.26 -6.21 19.85
CA ILE B 107 4.81 -7.55 20.21
C ILE B 107 3.43 -7.79 19.60
N TYR B 108 3.24 -8.97 18.98
CA TYR B 108 1.99 -9.31 18.31
C TYR B 108 1.58 -10.74 18.67
N TYR B 109 0.44 -10.91 19.37
CA TYR B 109 -0.04 -12.25 19.80
C TYR B 109 -0.97 -12.93 18.81
N TYR B 110 -1.62 -12.19 17.92
CA TYR B 110 -2.64 -12.75 17.03
C TYR B 110 -3.73 -13.49 17.81
N ALA B 111 -4.21 -12.84 18.87
CA ALA B 111 -5.34 -13.33 19.63
C ALA B 111 -6.58 -12.52 19.26
N MET B 112 -7.71 -13.19 19.18
CA MET B 112 -8.91 -12.61 18.58
C MET B 112 -9.98 -12.49 19.68
N ASP B 113 -10.26 -11.24 20.13
CA ASP B 113 -11.05 -11.06 21.35
C ASP B 113 -12.57 -10.98 21.15
N TYR B 114 -13.10 -10.66 19.96
CA TYR B 114 -14.57 -10.71 19.76
C TYR B 114 -14.93 -11.34 18.41
N TRP B 115 -16.00 -12.15 18.39
CA TRP B 115 -16.32 -13.00 17.24
C TRP B 115 -17.73 -12.75 16.71
N GLY B 116 -17.89 -12.77 15.37
CA GLY B 116 -19.22 -12.82 14.78
C GLY B 116 -19.92 -14.15 15.01
N GLN B 117 -21.23 -14.18 14.73
CA GLN B 117 -22.05 -15.38 14.96
C GLN B 117 -22.02 -16.39 13.81
N GLY B 118 -21.44 -16.04 12.67
CA GLY B 118 -21.17 -17.01 11.60
C GLY B 118 -22.20 -16.97 10.46
N THR B 119 -21.74 -17.34 9.26
CA THR B 119 -22.57 -17.39 8.05
C THR B 119 -22.40 -18.76 7.40
N THR B 120 -23.53 -19.47 7.19
CA THR B 120 -23.55 -20.81 6.61
C THR B 120 -23.82 -20.74 5.10
N VAL B 121 -22.90 -21.29 4.28
CA VAL B 121 -23.05 -21.33 2.83
C VAL B 121 -23.18 -22.79 2.36
N THR B 122 -24.12 -23.04 1.44
CA THR B 122 -24.37 -24.37 0.88
C THR B 122 -24.32 -24.29 -0.63
N VAL B 123 -23.34 -24.98 -1.24
CA VAL B 123 -23.25 -25.08 -2.69
C VAL B 123 -23.94 -26.36 -3.15
N SER B 124 -24.85 -26.24 -4.11
CA SER B 124 -25.64 -27.39 -4.57
C SER B 124 -26.18 -27.11 -5.96
N SER B 125 -26.44 -28.18 -6.72
CA SER B 125 -27.01 -28.05 -8.05
C SER B 125 -28.53 -28.28 -8.02
N VAL B 146 5.09 -26.04 5.64
CA VAL B 146 5.46 -24.71 6.10
C VAL B 146 4.58 -24.29 7.27
N ASP B 147 3.35 -24.82 7.29
CA ASP B 147 2.43 -24.55 8.40
C ASP B 147 2.91 -25.25 9.67
N ILE B 148 2.74 -24.60 10.81
CA ILE B 148 2.96 -25.24 12.10
C ILE B 148 1.72 -26.04 12.48
N GLN B 149 1.92 -27.33 12.79
CA GLN B 149 0.83 -28.25 13.10
C GLN B 149 0.60 -28.34 14.60
N MET B 150 -0.67 -28.20 15.02
CA MET B 150 -1.11 -28.30 16.41
C MET B 150 -1.86 -29.62 16.66
N THR B 151 -1.55 -30.29 17.77
CA THR B 151 -2.16 -31.58 18.11
C THR B 151 -2.70 -31.57 19.54
N GLN B 152 -4.01 -31.81 19.68
CA GLN B 152 -4.72 -31.74 20.96
C GLN B 152 -5.20 -33.12 21.39
N THR B 153 -5.05 -33.43 22.68
CA THR B 153 -5.53 -34.69 23.26
C THR B 153 -6.11 -34.46 24.64
N PRO B 154 -7.12 -35.26 25.06
CA PRO B 154 -7.86 -36.26 24.29
C PRO B 154 -8.84 -35.59 23.32
N SER B 155 -9.43 -36.33 22.35
CA SER B 155 -10.36 -35.66 21.46
C SER B 155 -11.72 -35.40 22.13
N SER B 156 -12.09 -36.20 23.16
CA SER B 156 -13.28 -35.94 23.96
C SER B 156 -13.15 -36.66 25.30
N LEU B 157 -13.96 -36.22 26.29
CA LEU B 157 -14.01 -36.89 27.59
C LEU B 157 -15.21 -36.40 28.39
N SER B 158 -15.71 -37.25 29.30
CA SER B 158 -16.73 -36.87 30.27
C SER B 158 -16.19 -36.87 31.70
N ALA B 159 -16.76 -36.02 32.54
CA ALA B 159 -16.28 -35.83 33.92
C ALA B 159 -17.43 -35.38 34.80
N SER B 160 -17.20 -35.46 36.13
CA SER B 160 -18.23 -35.07 37.10
C SER B 160 -18.06 -33.63 37.57
N LEU B 161 -19.19 -33.02 37.96
CA LEU B 161 -19.19 -31.68 38.53
C LEU B 161 -18.29 -31.63 39.75
N GLY B 162 -17.32 -30.71 39.75
CA GLY B 162 -16.37 -30.55 40.83
C GLY B 162 -15.03 -31.20 40.61
N ASP B 163 -14.86 -31.97 39.54
CA ASP B 163 -13.58 -32.57 39.19
C ASP B 163 -12.55 -31.51 38.79
N ARG B 164 -11.28 -31.93 38.75
CA ARG B 164 -10.17 -31.16 38.18
C ARG B 164 -9.82 -31.78 36.83
N VAL B 165 -9.85 -30.95 35.76
CA VAL B 165 -9.70 -31.40 34.37
C VAL B 165 -8.50 -30.69 33.74
N THR B 166 -7.59 -31.46 33.12
CA THR B 166 -6.42 -30.93 32.41
C THR B 166 -6.33 -31.47 30.98
N ILE B 167 -6.19 -30.57 29.98
CA ILE B 167 -6.13 -30.96 28.56
C ILE B 167 -4.87 -30.43 27.91
N SER B 168 -4.40 -31.15 26.87
CA SER B 168 -3.05 -31.00 26.32
C SER B 168 -3.06 -30.53 24.86
N CYS B 169 -2.03 -29.75 24.50
CA CYS B 169 -1.85 -29.16 23.16
C CYS B 169 -0.36 -29.12 22.84
N ARG B 170 0.05 -29.67 21.70
CA ARG B 170 1.45 -29.72 21.31
C ARG B 170 1.67 -29.25 19.87
N ALA B 171 2.74 -28.49 19.64
CA ALA B 171 3.05 -27.91 18.34
C ALA B 171 4.20 -28.65 17.68
N SER B 172 4.28 -28.50 16.35
CA SER B 172 5.31 -29.18 15.57
C SER B 172 6.68 -28.51 15.67
N GLN B 173 6.78 -27.30 16.21
CA GLN B 173 8.08 -26.67 16.45
C GLN B 173 7.90 -25.63 17.55
N ASP B 174 9.03 -25.05 17.99
CA ASP B 174 9.03 -24.15 19.14
C ASP B 174 8.25 -22.88 18.80
N ILE B 175 7.24 -22.56 19.62
CA ILE B 175 6.43 -21.35 19.43
C ILE B 175 6.65 -20.31 20.53
N SER B 176 7.57 -20.54 21.45
CA SER B 176 8.01 -19.56 22.45
C SER B 176 6.85 -18.80 23.10
N ASN B 177 5.91 -19.56 23.68
CA ASN B 177 4.81 -19.11 24.52
C ASN B 177 3.75 -18.27 23.80
N TYR B 178 3.74 -18.24 22.48
CA TYR B 178 2.67 -17.56 21.75
C TYR B 178 1.51 -18.53 21.45
N LEU B 179 0.75 -18.87 22.51
CA LEU B 179 -0.33 -19.86 22.46
C LEU B 179 -1.60 -19.30 23.12
N ASN B 180 -2.73 -19.40 22.42
CA ASN B 180 -4.02 -18.88 22.89
C ASN B 180 -5.08 -20.01 22.95
N TRP B 181 -6.17 -19.79 23.73
CA TRP B 181 -7.24 -20.76 23.97
C TRP B 181 -8.63 -20.13 23.79
N TYR B 182 -9.56 -20.88 23.15
CA TYR B 182 -10.93 -20.46 22.84
C TYR B 182 -11.94 -21.54 23.27
N GLN B 183 -13.17 -21.09 23.59
CA GLN B 183 -14.28 -21.94 24.01
C GLN B 183 -15.45 -21.73 23.05
N GLN B 184 -16.08 -22.82 22.58
CA GLN B 184 -17.22 -22.78 21.65
C GLN B 184 -18.35 -23.67 22.15
N LYS B 185 -19.57 -23.07 22.26
CA LYS B 185 -20.84 -23.63 22.72
C LYS B 185 -21.60 -24.29 21.57
N PRO B 186 -22.59 -25.15 21.87
CA PRO B 186 -23.27 -25.88 20.79
C PRO B 186 -24.06 -25.00 19.84
N ASP B 187 -24.46 -23.80 20.25
CA ASP B 187 -25.12 -22.89 19.31
C ASP B 187 -24.15 -22.23 18.36
N GLY B 188 -22.85 -22.47 18.51
CA GLY B 188 -21.86 -21.95 17.61
C GLY B 188 -21.12 -20.71 18.08
N THR B 189 -21.46 -20.15 19.23
CA THR B 189 -20.80 -18.93 19.71
C THR B 189 -19.38 -19.23 20.16
N VAL B 190 -18.45 -18.31 19.87
CA VAL B 190 -17.04 -18.47 20.18
C VAL B 190 -16.59 -17.32 21.05
N LYS B 191 -15.69 -17.59 22.02
CA LYS B 191 -15.14 -16.58 22.90
C LYS B 191 -13.70 -16.90 23.25
N LEU B 192 -12.90 -15.84 23.48
CA LEU B 192 -11.50 -15.95 23.91
C LEU B 192 -11.41 -16.15 25.42
N LEU B 193 -10.56 -17.11 25.86
CA LEU B 193 -10.36 -17.40 27.29
C LEU B 193 -8.99 -16.97 27.79
N ILE B 194 -7.91 -17.46 27.17
CA ILE B 194 -6.54 -17.19 27.61
C ILE B 194 -5.70 -16.78 26.41
N TYR B 195 -4.76 -15.83 26.61
CA TYR B 195 -3.81 -15.45 25.59
C TYR B 195 -2.39 -15.43 26.14
N TYR B 196 -1.42 -15.65 25.25
CA TYR B 196 0.01 -15.66 25.60
C TYR B 196 0.32 -16.62 26.76
N THR B 197 -0.16 -17.86 26.62
CA THR B 197 0.08 -19.00 27.50
C THR B 197 -0.77 -18.93 28.77
N SER B 198 -0.73 -17.82 29.51
CA SER B 198 -1.31 -17.85 30.85
C SER B 198 -2.05 -16.58 31.26
N ARG B 199 -2.38 -15.67 30.32
CA ARG B 199 -3.04 -14.41 30.67
C ARG B 199 -4.55 -14.52 30.44
N LEU B 200 -5.33 -14.08 31.42
CA LEU B 200 -6.78 -14.25 31.38
C LEU B 200 -7.47 -13.07 30.72
N HIS B 201 -8.31 -13.36 29.71
CA HIS B 201 -9.13 -12.33 29.10
C HIS B 201 -10.19 -11.84 30.10
N SER B 202 -10.69 -10.64 29.88
CA SER B 202 -11.57 -10.01 30.86
C SER B 202 -12.91 -10.73 30.95
N GLY B 203 -13.38 -10.94 32.19
CA GLY B 203 -14.63 -11.62 32.44
C GLY B 203 -14.53 -13.12 32.56
N VAL B 204 -13.36 -13.70 32.35
CA VAL B 204 -13.17 -15.15 32.47
C VAL B 204 -12.95 -15.50 33.94
N PRO B 205 -13.65 -16.49 34.50
CA PRO B 205 -13.52 -16.80 35.94
C PRO B 205 -12.15 -17.37 36.32
N SER B 206 -11.78 -17.18 37.59
CA SER B 206 -10.43 -17.49 38.06
C SER B 206 -10.15 -18.99 38.22
N ARG B 207 -11.15 -19.86 38.09
CA ARG B 207 -10.88 -21.30 38.13
C ARG B 207 -10.22 -21.83 36.83
N PHE B 208 -10.10 -21.01 35.77
CA PHE B 208 -9.31 -21.34 34.58
C PHE B 208 -7.84 -20.89 34.73
N SER B 209 -6.90 -21.73 34.30
CA SER B 209 -5.49 -21.34 34.19
C SER B 209 -4.81 -22.11 33.06
N GLY B 210 -3.66 -21.57 32.58
CA GLY B 210 -2.87 -22.26 31.57
C GLY B 210 -1.39 -22.14 31.84
N SER B 211 -0.61 -23.07 31.27
CA SER B 211 0.86 -23.01 31.37
C SER B 211 1.51 -23.86 30.27
N GLY B 212 2.84 -23.89 30.28
CA GLY B 212 3.67 -24.62 29.33
C GLY B 212 4.79 -23.75 28.80
N SER B 213 5.67 -24.40 28.04
CA SER B 213 6.73 -23.71 27.28
C SER B 213 7.28 -24.65 26.20
N GLY B 214 8.03 -24.08 25.25
CA GLY B 214 8.59 -24.85 24.14
C GLY B 214 7.58 -25.31 23.11
N THR B 215 7.30 -26.61 23.05
CA THR B 215 6.25 -27.18 22.20
C THR B 215 5.06 -27.73 22.98
N ASP B 216 5.11 -27.73 24.31
CA ASP B 216 4.15 -28.47 25.12
C ASP B 216 3.42 -27.53 26.07
N TYR B 217 2.08 -27.50 25.99
CA TYR B 217 1.23 -26.54 26.71
C TYR B 217 0.02 -27.25 27.31
N SER B 218 -0.67 -26.60 28.26
CA SER B 218 -1.91 -27.18 28.80
C SER B 218 -2.85 -26.10 29.34
N LEU B 219 -4.11 -26.51 29.57
CA LEU B 219 -5.14 -25.71 30.25
C LEU B 219 -5.77 -26.55 31.38
N THR B 220 -6.08 -25.91 32.52
CA THR B 220 -6.62 -26.58 33.69
C THR B 220 -7.87 -25.87 34.19
N ILE B 221 -8.92 -26.63 34.49
CA ILE B 221 -10.13 -26.15 35.18
C ILE B 221 -10.12 -26.75 36.59
N SER B 222 -10.10 -25.90 37.62
CA SER B 222 -9.83 -26.42 38.96
C SER B 222 -11.03 -27.15 39.56
N ASN B 223 -12.24 -26.59 39.48
CA ASN B 223 -13.44 -27.31 39.94
C ASN B 223 -14.57 -27.11 38.93
N LEU B 224 -14.99 -28.19 38.27
CA LEU B 224 -15.83 -28.08 37.07
C LEU B 224 -17.26 -27.61 37.40
N GLU B 225 -17.77 -26.68 36.59
CA GLU B 225 -19.15 -26.21 36.75
C GLU B 225 -19.97 -26.43 35.49
N GLN B 226 -21.29 -26.31 35.65
CA GLN B 226 -22.24 -26.66 34.59
C GLN B 226 -22.04 -25.83 33.34
N GLU B 227 -21.74 -24.53 33.49
CA GLU B 227 -21.55 -23.68 32.32
C GLU B 227 -20.27 -23.99 31.56
N ASP B 228 -19.40 -24.86 32.08
CA ASP B 228 -18.15 -25.18 31.42
C ASP B 228 -18.27 -26.31 30.38
N ILE B 229 -19.45 -26.91 30.21
CA ILE B 229 -19.65 -27.89 29.15
C ILE B 229 -19.53 -27.17 27.80
N ALA B 230 -18.55 -27.59 26.98
CA ALA B 230 -18.32 -27.01 25.65
C ALA B 230 -17.19 -27.72 24.91
N THR B 231 -16.72 -27.16 23.78
CA THR B 231 -15.52 -27.62 23.10
C THR B 231 -14.41 -26.56 23.21
N TYR B 232 -13.15 -27.00 23.33
CA TYR B 232 -12.02 -26.11 23.57
C TYR B 232 -10.95 -26.29 22.48
N PHE B 233 -10.43 -25.16 21.94
CA PHE B 233 -9.46 -25.10 20.85
C PHE B 233 -8.19 -24.33 21.25
N CYS B 234 -6.98 -24.84 20.89
CA CYS B 234 -5.73 -24.09 20.97
C CYS B 234 -5.28 -23.53 19.59
N GLN B 235 -4.41 -22.49 19.64
CA GLN B 235 -3.93 -21.78 18.44
C GLN B 235 -2.57 -21.11 18.67
N GLN B 236 -1.61 -21.35 17.77
CA GLN B 236 -0.33 -20.62 17.79
C GLN B 236 -0.43 -19.29 17.06
N GLY B 237 0.33 -18.31 17.54
CA GLY B 237 0.46 -16.99 16.92
C GLY B 237 1.90 -16.53 16.79
N ASN B 238 2.80 -17.48 16.60
CA ASN B 238 4.22 -17.19 16.46
C ASN B 238 4.62 -16.89 15.02
N THR B 239 3.94 -17.51 14.03
CA THR B 239 4.32 -17.36 12.63
C THR B 239 3.07 -17.40 11.73
N LEU B 240 3.00 -16.47 10.77
CA LEU B 240 1.89 -16.48 9.81
C LEU B 240 2.01 -17.70 8.90
N PRO B 241 0.89 -18.37 8.56
CA PRO B 241 -0.49 -18.15 9.04
C PRO B 241 -0.78 -18.78 10.43
N PRO B 242 -1.68 -18.18 11.19
CA PRO B 242 -2.16 -18.82 12.42
C PRO B 242 -2.81 -20.18 12.12
N THR B 243 -2.63 -21.12 13.06
CA THR B 243 -3.12 -22.48 12.93
C THR B 243 -3.72 -22.99 14.24
N PHE B 244 -4.79 -23.80 14.12
CA PHE B 244 -5.61 -24.25 15.24
C PHE B 244 -5.49 -25.77 15.41
N GLY B 245 -5.86 -26.26 16.63
CA GLY B 245 -5.97 -27.68 16.85
C GLY B 245 -7.38 -28.23 16.51
N ALA B 246 -7.49 -29.56 16.47
CA ALA B 246 -8.77 -30.21 16.17
C ALA B 246 -9.74 -30.24 17.35
N GLY B 247 -9.31 -29.84 18.57
CA GLY B 247 -10.22 -29.53 19.66
C GLY B 247 -10.43 -30.68 20.63
N THR B 248 -10.92 -30.33 21.83
CA THR B 248 -11.27 -31.28 22.91
C THR B 248 -12.69 -31.00 23.39
N LYS B 249 -13.60 -31.98 23.22
CA LYS B 249 -15.00 -31.82 23.66
C LYS B 249 -15.20 -32.40 25.07
N LEU B 250 -15.84 -31.61 25.94
CA LEU B 250 -15.95 -31.89 27.38
C LEU B 250 -17.42 -31.99 27.76
N GLU B 251 -17.84 -33.11 28.34
CA GLU B 251 -19.25 -33.30 28.69
C GLU B 251 -19.38 -33.99 30.05
N LEU B 252 -20.63 -34.12 30.52
CA LEU B 252 -20.92 -34.42 31.93
C LEU B 252 -21.33 -35.88 32.11
N LYS B 253 -20.75 -36.53 33.13
CA LYS B 253 -21.13 -37.90 33.43
C LYS B 253 -22.47 -37.95 34.13
N GLN C 1 -25.01 12.47 6.21
CA GLN C 1 -24.00 13.02 7.09
C GLN C 1 -22.95 13.83 6.33
N VAL C 2 -22.22 14.68 7.05
CA VAL C 2 -21.31 15.63 6.44
C VAL C 2 -20.07 14.92 5.90
N GLN C 3 -19.66 15.27 4.67
CA GLN C 3 -18.47 14.68 4.06
C GLN C 3 -17.83 15.66 3.06
N LEU C 4 -16.49 15.68 3.07
CA LEU C 4 -15.68 16.46 2.12
C LEU C 4 -14.73 15.50 1.42
N GLN C 5 -14.85 15.39 0.11
CA GLN C 5 -14.06 14.46 -0.71
C GLN C 5 -13.10 15.24 -1.60
N GLN C 6 -11.79 15.02 -1.40
CA GLN C 6 -10.71 15.67 -2.15
C GLN C 6 -10.18 14.76 -3.26
N SER C 7 -9.49 15.37 -4.24
CA SER C 7 -9.05 14.74 -5.48
C SER C 7 -7.70 14.02 -5.34
N GLY C 8 -7.38 13.17 -6.32
CA GLY C 8 -6.24 12.27 -6.20
C GLY C 8 -4.89 12.97 -6.22
N ALA C 9 -3.86 12.22 -5.83
CA ALA C 9 -2.51 12.76 -5.70
C ALA C 9 -1.96 13.17 -7.06
N GLU C 10 -0.92 14.00 -7.05
CA GLU C 10 -0.42 14.54 -8.31
C GLU C 10 1.10 14.74 -8.28
N LEU C 11 1.70 14.49 -9.46
CA LEU C 11 3.12 14.64 -9.71
C LEU C 11 3.30 15.75 -10.74
N ALA C 12 4.00 16.82 -10.38
CA ALA C 12 4.08 18.02 -11.21
C ALA C 12 5.54 18.40 -11.50
N LYS C 13 5.72 19.19 -12.58
CA LYS C 13 7.03 19.68 -13.04
C LYS C 13 7.40 20.98 -12.32
N PRO C 14 8.68 21.18 -12.03
CA PRO C 14 9.10 22.45 -11.43
C PRO C 14 8.84 23.61 -12.39
N GLY C 15 8.20 24.66 -11.87
CA GLY C 15 7.86 25.83 -12.66
C GLY C 15 6.43 25.88 -13.16
N ALA C 16 5.70 24.77 -13.10
CA ALA C 16 4.37 24.68 -13.68
C ALA C 16 3.33 25.13 -12.65
N SER C 17 2.04 25.00 -13.00
CA SER C 17 0.91 25.26 -12.11
C SER C 17 -0.01 24.04 -12.09
N MET C 18 -0.90 23.98 -11.08
CA MET C 18 -1.85 22.88 -10.98
C MET C 18 -3.10 23.31 -10.22
N LYS C 19 -4.08 22.39 -10.13
CA LYS C 19 -5.41 22.66 -9.57
C LYS C 19 -5.98 21.40 -8.91
N MET C 20 -6.49 21.52 -7.68
CA MET C 20 -7.14 20.42 -6.94
C MET C 20 -8.57 20.80 -6.54
N SER C 21 -9.41 19.78 -6.25
CA SER C 21 -10.81 20.02 -5.87
C SER C 21 -11.18 19.35 -4.54
N CYS C 22 -12.22 19.94 -3.90
CA CYS C 22 -12.78 19.51 -2.61
C CYS C 22 -14.32 19.47 -2.71
N ARG C 23 -14.91 18.28 -2.73
CA ARG C 23 -16.33 18.13 -3.05
C ARG C 23 -17.15 17.80 -1.80
N ALA C 24 -18.21 18.58 -1.59
CA ALA C 24 -19.00 18.54 -0.36
C ALA C 24 -20.30 17.76 -0.58
N SER C 25 -20.68 16.97 0.43
CA SER C 25 -21.98 16.31 0.40
C SER C 25 -22.57 16.26 1.81
N GLY C 26 -23.91 16.21 1.85
CA GLY C 26 -24.63 15.99 3.09
C GLY C 26 -25.01 17.21 3.89
N TYR C 27 -24.91 18.41 3.31
CA TYR C 27 -25.30 19.63 4.01
C TYR C 27 -25.43 20.76 2.99
N SER C 28 -26.01 21.88 3.44
CA SER C 28 -26.22 23.06 2.60
C SER C 28 -24.88 23.74 2.32
N PHE C 29 -24.42 23.68 1.06
CA PHE C 29 -23.04 24.07 0.72
C PHE C 29 -22.78 25.56 0.92
N THR C 30 -23.72 26.40 0.50
CA THR C 30 -23.47 27.84 0.50
C THR C 30 -23.51 28.46 1.90
N SER C 31 -23.88 27.71 2.92
CA SER C 31 -24.03 28.27 4.26
C SER C 31 -22.73 28.30 5.07
N TYR C 32 -21.66 27.63 4.63
CA TYR C 32 -20.49 27.45 5.47
C TYR C 32 -19.20 27.76 4.72
N TRP C 33 -18.28 28.45 5.41
CA TRP C 33 -16.94 28.73 4.89
C TRP C 33 -16.17 27.44 4.63
N ILE C 34 -15.17 27.52 3.73
CA ILE C 34 -14.21 26.45 3.51
C ILE C 34 -12.80 27.00 3.78
N HIS C 35 -12.04 26.29 4.63
CA HIS C 35 -10.65 26.61 4.97
C HIS C 35 -9.69 25.74 4.17
N TRP C 36 -8.48 26.27 3.89
CA TRP C 36 -7.41 25.51 3.25
C TRP C 36 -6.11 25.60 4.07
N LEU C 37 -5.41 24.47 4.21
CA LEU C 37 -4.19 24.38 5.02
C LEU C 37 -3.17 23.46 4.38
N LYS C 38 -1.91 23.61 4.83
CA LYS C 38 -0.73 22.91 4.32
C LYS C 38 0.05 22.26 5.47
N GLN C 39 0.54 21.04 5.23
CA GLN C 39 1.37 20.32 6.21
C GLN C 39 2.54 19.68 5.49
N ARG C 40 3.75 19.89 6.00
CA ARG C 40 4.99 19.28 5.52
C ARG C 40 5.42 18.19 6.50
N PRO C 41 6.24 17.24 6.05
CA PRO C 41 6.53 16.05 6.86
C PRO C 41 7.00 16.35 8.28
N ASP C 42 6.40 15.64 9.23
CA ASP C 42 6.65 15.78 10.67
C ASP C 42 6.71 17.26 11.09
N GLN C 43 5.70 18.00 10.67
CA GLN C 43 5.56 19.41 11.06
C GLN C 43 4.10 19.70 11.37
N GLY C 44 3.87 20.89 11.92
CA GLY C 44 2.53 21.38 12.17
C GLY C 44 1.91 21.93 10.91
N LEU C 45 0.72 22.49 11.07
CA LEU C 45 -0.09 22.98 9.98
C LEU C 45 0.06 24.50 9.82
N GLU C 46 -0.06 24.98 8.57
CA GLU C 46 -0.08 26.41 8.25
C GLU C 46 -1.37 26.74 7.52
N TRP C 47 -2.04 27.82 7.93
CA TRP C 47 -3.29 28.25 7.29
C TRP C 47 -3.00 29.09 6.03
N ILE C 48 -3.65 28.74 4.93
CA ILE C 48 -3.46 29.44 3.65
C ILE C 48 -4.50 30.53 3.44
N GLY C 49 -5.79 30.19 3.58
CA GLY C 49 -6.87 31.18 3.52
C GLY C 49 -8.23 30.51 3.63
N TYR C 50 -9.29 31.29 3.36
CA TYR C 50 -10.66 30.76 3.35
C TYR C 50 -11.51 31.49 2.30
N ILE C 51 -12.60 30.82 1.87
CA ILE C 51 -13.55 31.39 0.93
C ILE C 51 -14.97 31.27 1.48
N ASP C 52 -15.81 32.28 1.22
CA ASP C 52 -17.24 32.23 1.52
C ASP C 52 -17.99 31.86 0.24
N PRO C 53 -18.54 30.65 0.15
CA PRO C 53 -19.14 30.21 -1.14
C PRO C 53 -20.39 30.98 -1.54
N ALA C 54 -21.01 31.74 -0.62
CA ALA C 54 -22.24 32.46 -0.95
C ALA C 54 -21.97 33.78 -1.67
N THR C 55 -20.78 34.37 -1.51
CA THR C 55 -20.48 35.66 -2.12
C THR C 55 -19.20 35.68 -2.94
N ALA C 56 -18.41 34.61 -2.93
CA ALA C 56 -17.10 34.47 -3.58
C ALA C 56 -15.99 35.25 -2.88
N TYR C 57 -16.28 35.99 -1.81
CA TYR C 57 -15.24 36.70 -1.08
C TYR C 57 -14.25 35.72 -0.44
N THR C 58 -12.96 36.05 -0.52
CA THR C 58 -11.90 35.24 0.10
C THR C 58 -10.86 36.14 0.75
N GLU C 59 -10.28 35.64 1.84
CA GLU C 59 -9.14 36.27 2.50
C GLU C 59 -7.95 35.30 2.50
N SER C 60 -6.75 35.86 2.43
CA SER C 60 -5.54 35.07 2.28
C SER C 60 -4.52 35.38 3.38
N ASN C 61 -3.67 34.42 3.68
CA ASN C 61 -2.58 34.61 4.60
C ASN C 61 -1.52 35.32 3.76
N GLN C 62 -0.87 36.33 4.31
CA GLN C 62 0.17 37.09 3.64
C GLN C 62 1.31 36.28 3.09
N LYS C 63 1.71 35.25 3.80
CA LYS C 63 2.72 34.36 3.31
C LYS C 63 2.43 33.60 2.02
N PHE C 64 1.18 33.40 1.66
CA PHE C 64 0.81 32.68 0.46
C PHE C 64 0.15 33.54 -0.60
N LYS C 65 0.32 34.86 -0.51
CA LYS C 65 -0.29 35.81 -1.43
C LYS C 65 0.06 35.74 -2.91
N ASP C 66 1.26 35.32 -3.26
CA ASP C 66 1.62 35.19 -4.65
C ASP C 66 1.77 33.70 -5.01
N LYS C 67 1.14 32.82 -4.25
CA LYS C 67 1.30 31.39 -4.47
C LYS C 67 0.00 30.65 -4.73
N ALA C 68 -1.13 31.08 -4.15
CA ALA C 68 -2.38 30.31 -4.18
C ALA C 68 -3.57 31.16 -4.62
N ILE C 69 -4.52 30.51 -5.32
CA ILE C 69 -5.77 31.09 -5.78
C ILE C 69 -6.93 30.16 -5.36
N LEU C 70 -8.03 30.74 -4.84
CA LEU C 70 -9.18 29.96 -4.37
C LEU C 70 -10.49 30.42 -5.03
N THR C 71 -11.29 29.46 -5.51
CA THR C 71 -12.59 29.72 -6.16
C THR C 71 -13.63 28.71 -5.67
N ALA C 72 -14.84 28.78 -6.24
CA ALA C 72 -15.93 27.86 -5.89
C ALA C 72 -17.03 27.92 -6.94
N ASP C 73 -17.75 26.81 -7.11
CA ASP C 73 -18.90 26.72 -8.00
C ASP C 73 -20.09 26.13 -7.24
N ARG C 74 -21.17 26.91 -7.11
CA ARG C 74 -22.26 26.52 -6.22
C ARG C 74 -23.03 25.31 -6.75
N SER C 75 -23.22 25.25 -8.08
CA SER C 75 -24.10 24.23 -8.66
C SER C 75 -23.57 22.81 -8.48
N SER C 76 -22.25 22.64 -8.51
CA SER C 76 -21.64 21.32 -8.35
C SER C 76 -21.13 21.04 -6.92
N ASN C 77 -21.41 21.93 -5.95
CA ASN C 77 -20.94 21.79 -4.55
C ASN C 77 -19.44 21.54 -4.44
N THR C 78 -18.62 22.42 -5.05
CA THR C 78 -17.18 22.20 -5.05
C THR C 78 -16.38 23.49 -4.87
N ALA C 79 -15.34 23.41 -4.04
CA ALA C 79 -14.31 24.43 -3.91
C ALA C 79 -13.02 23.94 -4.57
N PHE C 80 -12.24 24.89 -5.11
CA PHE C 80 -11.01 24.60 -5.85
C PHE C 80 -9.86 25.47 -5.33
N MET C 81 -8.62 25.01 -5.51
CA MET C 81 -7.43 25.79 -5.18
C MET C 81 -6.35 25.55 -6.23
N TYR C 82 -5.70 26.64 -6.68
CA TYR C 82 -4.65 26.61 -7.69
C TYR C 82 -3.33 27.03 -7.07
N LEU C 83 -2.24 26.39 -7.50
CA LEU C 83 -0.88 26.72 -7.07
C LEU C 83 0.01 26.97 -8.29
N ASN C 84 0.86 28.01 -8.24
CA ASN C 84 1.71 28.38 -9.37
C ASN C 84 3.19 28.41 -8.98
N SER C 85 4.06 28.48 -10.00
CA SER C 85 5.53 28.56 -9.83
C SER C 85 6.08 27.48 -8.90
N LEU C 86 5.74 26.22 -9.18
CA LEU C 86 6.02 25.14 -8.25
C LEU C 86 7.51 24.91 -8.05
N THR C 87 7.89 24.66 -6.78
CA THR C 87 9.23 24.23 -6.38
C THR C 87 9.12 23.10 -5.36
N SER C 88 10.26 22.51 -5.01
CA SER C 88 10.28 21.44 -4.00
C SER C 88 9.78 21.90 -2.63
N GLU C 89 9.88 23.20 -2.32
CA GLU C 89 9.30 23.73 -1.09
C GLU C 89 7.79 23.51 -1.03
N ASP C 90 7.14 23.29 -2.18
CA ASP C 90 5.70 23.11 -2.26
C ASP C 90 5.23 21.65 -2.11
N SER C 91 6.12 20.66 -2.08
CA SER C 91 5.72 19.27 -1.87
C SER C 91 5.19 19.07 -0.45
N ALA C 92 3.93 18.59 -0.34
CA ALA C 92 3.21 18.57 0.94
C ALA C 92 1.84 17.89 0.80
N VAL C 93 1.14 17.73 1.94
CA VAL C 93 -0.27 17.34 1.96
C VAL C 93 -1.11 18.59 2.18
N TYR C 94 -2.14 18.79 1.33
CA TYR C 94 -3.04 19.94 1.40
C TYR C 94 -4.45 19.50 1.81
N TYR C 95 -5.08 20.26 2.71
CA TYR C 95 -6.37 19.93 3.33
C TYR C 95 -7.40 21.04 3.08
N CYS C 96 -8.67 20.64 2.93
CA CYS C 96 -9.83 21.54 3.05
C CYS C 96 -10.64 21.16 4.29
N ALA C 97 -11.34 22.14 4.88
CA ALA C 97 -12.07 21.90 6.12
C ALA C 97 -13.14 22.96 6.35
N ARG C 98 -14.30 22.54 6.86
CA ARG C 98 -15.49 23.39 7.04
C ARG C 98 -15.42 24.17 8.35
N GLU C 99 -16.02 25.37 8.33
CA GLU C 99 -16.19 26.18 9.53
C GLU C 99 -17.47 25.79 10.26
N SER C 100 -17.40 25.75 11.59
CA SER C 100 -18.54 25.34 12.41
C SER C 100 -19.58 26.45 12.50
N PRO C 101 -20.83 26.11 12.88
CA PRO C 101 -21.88 27.12 13.11
C PRO C 101 -21.57 28.11 14.24
N TYR C 108 -16.20 34.30 15.21
CA TYR C 108 -16.51 33.47 16.38
C TYR C 108 -15.34 32.52 16.70
N TYR C 109 -15.63 31.21 16.77
CA TYR C 109 -14.66 30.26 17.33
C TYR C 109 -13.46 30.05 16.39
N TYR C 110 -13.72 30.01 15.08
CA TYR C 110 -12.74 29.53 14.10
C TYR C 110 -12.37 28.06 14.36
N ALA C 111 -13.37 27.26 14.71
CA ALA C 111 -13.17 25.82 14.81
C ALA C 111 -13.57 25.14 13.51
N MET C 112 -12.76 24.19 13.06
CA MET C 112 -12.97 23.48 11.81
C MET C 112 -13.48 22.08 12.13
N ASP C 113 -14.79 21.86 11.95
CA ASP C 113 -15.45 20.69 12.55
C ASP C 113 -15.46 19.42 11.69
N TYR C 114 -15.32 19.51 10.36
CA TYR C 114 -15.22 18.33 9.51
C TYR C 114 -14.14 18.53 8.45
N TRP C 115 -13.30 17.52 8.24
CA TRP C 115 -12.10 17.65 7.39
C TRP C 115 -12.13 16.67 6.21
N GLY C 116 -11.57 17.10 5.07
CA GLY C 116 -11.29 16.18 3.98
C GLY C 116 -10.07 15.31 4.32
N GLN C 117 -9.78 14.36 3.44
CA GLN C 117 -8.75 13.35 3.73
C GLN C 117 -7.34 13.72 3.25
N GLY C 118 -7.16 14.85 2.56
CA GLY C 118 -5.83 15.23 2.08
C GLY C 118 -5.51 14.87 0.63
N THR C 119 -4.86 15.81 -0.09
CA THR C 119 -4.31 15.60 -1.43
C THR C 119 -2.79 15.79 -1.36
N THR C 120 -2.03 14.74 -1.70
CA THR C 120 -0.57 14.79 -1.69
C THR C 120 -0.01 15.31 -3.03
N VAL C 121 0.87 16.32 -2.96
CA VAL C 121 1.52 16.91 -4.13
C VAL C 121 3.01 16.63 -4.07
N THR C 122 3.57 16.12 -5.18
CA THR C 122 5.01 15.87 -5.31
C THR C 122 5.55 16.64 -6.51
N VAL C 123 6.61 17.42 -6.28
CA VAL C 123 7.24 18.22 -7.34
C VAL C 123 8.56 17.55 -7.74
N SER C 124 8.69 17.21 -9.02
CA SER C 124 9.97 16.77 -9.58
C SER C 124 10.07 17.11 -11.06
N VAL C 146 4.70 38.80 14.51
CA VAL C 146 3.42 39.50 14.42
C VAL C 146 2.28 38.49 14.50
N ASP C 147 2.44 37.33 13.87
CA ASP C 147 1.52 36.22 14.12
C ASP C 147 1.74 35.69 15.54
N ILE C 148 0.66 35.18 16.15
CA ILE C 148 0.73 34.60 17.49
C ILE C 148 1.42 33.24 17.43
N GLN C 149 2.38 33.02 18.33
CA GLN C 149 3.17 31.79 18.38
C GLN C 149 2.63 30.82 19.44
N MET C 150 2.47 29.54 19.06
CA MET C 150 1.95 28.48 19.95
C MET C 150 3.05 27.44 20.22
N THR C 151 3.22 27.05 21.50
CA THR C 151 4.29 26.16 21.95
C THR C 151 3.71 25.00 22.78
N GLN C 152 3.87 23.76 22.30
CA GLN C 152 3.32 22.56 22.94
C GLN C 152 4.44 21.76 23.62
N THR C 153 4.14 21.22 24.81
CA THR C 153 5.04 20.30 25.52
C THR C 153 4.22 19.19 26.15
N PRO C 154 4.73 17.95 26.16
CA PRO C 154 6.02 17.54 25.59
C PRO C 154 5.90 17.26 24.08
N SER C 155 7.01 17.17 23.35
CA SER C 155 6.89 16.93 21.92
C SER C 155 6.66 15.46 21.59
N SER C 156 7.05 14.55 22.48
CA SER C 156 6.65 13.16 22.35
C SER C 156 6.57 12.54 23.74
N LEU C 157 5.76 11.49 23.86
CA LEU C 157 5.39 10.92 25.15
C LEU C 157 5.01 9.46 24.97
N SER C 158 5.52 8.59 25.83
CA SER C 158 5.28 7.15 25.75
C SER C 158 4.45 6.67 26.92
N ALA C 159 3.41 5.87 26.62
CA ALA C 159 2.40 5.49 27.60
C ALA C 159 1.94 4.05 27.38
N SER C 160 1.20 3.50 28.35
CA SER C 160 0.63 2.17 28.28
C SER C 160 -0.89 2.26 28.27
N LEU C 161 -1.55 1.23 27.72
CA LEU C 161 -3.01 1.23 27.71
C LEU C 161 -3.54 1.18 29.13
N GLY C 162 -4.55 2.01 29.42
CA GLY C 162 -5.07 2.18 30.76
C GLY C 162 -4.56 3.42 31.50
N ASP C 163 -3.48 4.06 31.04
CA ASP C 163 -2.88 5.19 31.75
C ASP C 163 -3.78 6.44 31.68
N ARG C 164 -3.50 7.38 32.59
CA ARG C 164 -4.05 8.73 32.55
C ARG C 164 -2.97 9.71 32.10
N VAL C 165 -3.31 10.61 31.16
CA VAL C 165 -2.33 11.44 30.44
C VAL C 165 -2.79 12.91 30.41
N THR C 166 -1.83 13.84 30.49
CA THR C 166 -2.10 15.26 30.30
C THR C 166 -0.97 15.94 29.52
N ILE C 167 -1.33 16.82 28.56
CA ILE C 167 -0.39 17.55 27.71
C ILE C 167 -0.74 19.05 27.72
N SER C 168 0.23 19.89 27.30
CA SER C 168 0.17 21.34 27.52
C SER C 168 0.47 22.18 26.27
N CYS C 169 -0.14 23.38 26.24
CA CYS C 169 -0.08 24.33 25.13
C CYS C 169 -0.05 25.76 25.70
N ARG C 170 0.93 26.57 25.26
CA ARG C 170 1.10 27.96 25.74
C ARG C 170 1.28 28.91 24.55
N ALA C 171 0.59 30.06 24.59
CA ALA C 171 0.64 31.07 23.54
C ALA C 171 1.46 32.27 23.98
N SER C 172 1.92 33.04 23.00
CA SER C 172 2.78 34.21 23.24
C SER C 172 2.00 35.45 23.67
N GLN C 173 0.68 35.38 23.72
CA GLN C 173 -0.10 36.47 24.30
C GLN C 173 -1.43 35.90 24.80
N ASP C 174 -2.19 36.76 25.48
CA ASP C 174 -3.47 36.34 26.04
C ASP C 174 -4.49 36.14 24.93
N ILE C 175 -5.01 34.93 24.80
CA ILE C 175 -5.98 34.60 23.75
C ILE C 175 -7.40 34.45 24.28
N SER C 176 -7.61 34.46 25.60
CA SER C 176 -8.94 34.61 26.21
C SER C 176 -9.91 33.49 25.86
N ASN C 177 -9.45 32.24 25.99
CA ASN C 177 -10.22 30.99 25.91
C ASN C 177 -10.56 30.52 24.47
N TYR C 178 -10.17 31.23 23.42
CA TYR C 178 -10.43 30.75 22.05
C TYR C 178 -9.32 29.77 21.64
N LEU C 179 -9.36 28.58 22.25
CA LEU C 179 -8.35 27.55 22.07
C LEU C 179 -9.02 26.25 21.66
N ASN C 180 -8.51 25.58 20.61
CA ASN C 180 -9.12 24.36 20.07
C ASN C 180 -8.10 23.23 19.95
N TRP C 181 -8.58 21.97 20.03
CA TRP C 181 -7.75 20.76 19.99
C TRP C 181 -8.19 19.80 18.88
N TYR C 182 -7.20 19.23 18.15
CA TYR C 182 -7.43 18.30 17.04
C TYR C 182 -6.56 17.05 17.22
N GLN C 183 -7.05 15.92 16.68
CA GLN C 183 -6.41 14.61 16.72
C GLN C 183 -6.16 14.11 15.31
N GLN C 184 -4.93 13.68 14.99
CA GLN C 184 -4.58 13.19 13.66
C GLN C 184 -4.07 11.75 13.79
N LYS C 185 -4.73 10.83 13.08
CA LYS C 185 -4.41 9.41 13.17
C LYS C 185 -3.25 9.05 12.24
N PRO C 186 -2.62 7.87 12.41
CA PRO C 186 -1.48 7.52 11.54
C PRO C 186 -1.84 7.45 10.07
N ASP C 187 -3.09 7.13 9.70
CA ASP C 187 -3.49 7.10 8.29
C ASP C 187 -3.64 8.48 7.69
N GLY C 188 -3.49 9.55 8.47
CA GLY C 188 -3.52 10.91 7.95
C GLY C 188 -4.80 11.68 8.20
N THR C 189 -5.87 11.01 8.67
CA THR C 189 -7.16 11.67 8.82
C THR C 189 -7.22 12.50 10.10
N VAL C 190 -7.96 13.61 10.06
CA VAL C 190 -8.03 14.62 11.13
C VAL C 190 -9.47 14.77 11.61
N LYS C 191 -9.65 14.97 12.91
CA LYS C 191 -10.95 15.24 13.52
C LYS C 191 -10.80 16.28 14.62
N LEU C 192 -11.85 17.08 14.81
CA LEU C 192 -11.95 18.03 15.91
C LEU C 192 -12.40 17.33 17.20
N LEU C 193 -11.72 17.63 18.32
CA LEU C 193 -12.04 17.04 19.62
C LEU C 193 -12.75 18.01 20.55
N ILE C 194 -12.17 19.19 20.77
CA ILE C 194 -12.64 20.14 21.76
C ILE C 194 -12.51 21.54 21.17
N TYR C 195 -13.52 22.39 21.40
CA TYR C 195 -13.48 23.77 20.95
C TYR C 195 -13.80 24.70 22.13
N TYR C 196 -13.20 25.89 22.09
CA TYR C 196 -13.40 26.94 23.10
C TYR C 196 -13.11 26.41 24.51
N THR C 197 -11.88 25.91 24.67
CA THR C 197 -11.28 25.48 25.95
C THR C 197 -11.84 24.16 26.49
N SER C 198 -13.17 24.02 26.61
CA SER C 198 -13.69 22.81 27.25
C SER C 198 -15.00 22.26 26.66
N ARG C 199 -15.44 22.70 25.49
CA ARG C 199 -16.64 22.14 24.89
C ARG C 199 -16.29 20.99 23.94
N LEU C 200 -16.96 19.85 24.12
CA LEU C 200 -16.74 18.66 23.28
C LEU C 200 -17.54 18.74 21.98
N HIS C 201 -16.90 18.39 20.88
CA HIS C 201 -17.62 18.25 19.61
C HIS C 201 -18.44 16.94 19.63
N SER C 202 -19.43 16.86 18.76
CA SER C 202 -20.38 15.74 18.84
C SER C 202 -19.69 14.42 18.55
N GLY C 203 -20.05 13.39 19.32
CA GLY C 203 -19.50 12.06 19.14
C GLY C 203 -18.18 11.78 19.86
N VAL C 204 -17.61 12.77 20.55
CA VAL C 204 -16.33 12.56 21.26
C VAL C 204 -16.62 11.87 22.60
N PRO C 205 -15.92 10.78 22.94
CA PRO C 205 -16.22 10.08 24.19
C PRO C 205 -15.78 10.86 25.42
N SER C 206 -16.48 10.61 26.54
CA SER C 206 -16.41 11.46 27.72
C SER C 206 -15.07 11.37 28.47
N ARG C 207 -14.16 10.48 28.08
CA ARG C 207 -12.88 10.41 28.76
C ARG C 207 -11.92 11.55 28.36
N PHE C 208 -12.29 12.40 27.39
CA PHE C 208 -11.51 13.58 27.00
C PHE C 208 -12.04 14.83 27.73
N SER C 209 -11.13 15.70 28.17
CA SER C 209 -11.52 16.98 28.79
C SER C 209 -10.39 18.02 28.67
N GLY C 210 -10.77 19.29 28.68
CA GLY C 210 -9.80 20.37 28.56
C GLY C 210 -10.11 21.54 29.48
N SER C 211 -9.08 22.36 29.73
CA SER C 211 -9.20 23.52 30.61
C SER C 211 -8.04 24.48 30.35
N GLY C 212 -8.04 25.60 31.09
CA GLY C 212 -7.02 26.63 30.98
C GLY C 212 -7.61 28.03 30.92
N SER C 213 -6.71 29.02 30.81
CA SER C 213 -7.09 30.43 30.75
C SER C 213 -5.86 31.25 30.37
N GLY C 214 -6.10 32.54 30.12
CA GLY C 214 -5.04 33.48 29.77
C GLY C 214 -4.16 33.03 28.62
N THR C 215 -2.96 32.55 28.93
CA THR C 215 -2.02 32.05 27.95
C THR C 215 -1.73 30.55 28.03
N ASP C 216 -2.24 29.85 29.05
CA ASP C 216 -1.86 28.47 29.37
C ASP C 216 -3.07 27.53 29.41
N TYR C 217 -2.98 26.40 28.70
CA TYR C 217 -4.11 25.52 28.39
C TYR C 217 -3.63 24.06 28.39
N SER C 218 -4.56 23.10 28.56
CA SER C 218 -4.16 21.70 28.61
C SER C 218 -5.33 20.75 28.29
N LEU C 219 -4.98 19.52 27.91
CA LEU C 219 -5.89 18.45 27.53
C LEU C 219 -5.60 17.18 28.35
N THR C 220 -6.65 16.44 28.73
CA THR C 220 -6.47 15.25 29.58
C THR C 220 -7.23 14.07 29.00
N ILE C 221 -6.55 12.93 28.86
CA ILE C 221 -7.17 11.68 28.45
C ILE C 221 -7.10 10.71 29.62
N SER C 222 -8.26 10.27 30.10
CA SER C 222 -8.34 9.21 31.11
C SER C 222 -8.56 7.86 30.45
N ASN C 223 -8.06 6.80 31.10
CA ASN C 223 -8.19 5.42 30.62
C ASN C 223 -7.86 5.28 29.12
N LEU C 224 -6.58 5.37 28.78
CA LEU C 224 -6.13 5.31 27.39
C LEU C 224 -6.55 4.01 26.69
N GLU C 225 -7.00 4.15 25.43
CA GLU C 225 -7.34 3.02 24.55
C GLU C 225 -6.53 3.08 23.25
N GLN C 226 -6.60 2.00 22.47
CA GLN C 226 -5.74 1.87 21.29
C GLN C 226 -6.02 2.97 20.26
N GLU C 227 -7.29 3.32 20.07
CA GLU C 227 -7.66 4.35 19.10
C GLU C 227 -7.23 5.75 19.52
N ASP C 228 -6.73 5.90 20.75
CA ASP C 228 -6.26 7.19 21.21
C ASP C 228 -4.80 7.44 20.87
N ILE C 229 -4.06 6.42 20.44
CA ILE C 229 -2.65 6.53 20.07
C ILE C 229 -2.57 7.35 18.76
N ALA C 230 -1.99 8.56 18.84
CA ALA C 230 -2.12 9.56 17.77
C ALA C 230 -1.33 10.84 18.05
N THR C 231 -1.35 11.80 17.11
CA THR C 231 -0.74 13.12 17.27
C THR C 231 -1.83 14.16 17.52
N TYR C 232 -1.55 15.11 18.42
CA TYR C 232 -2.53 16.07 18.96
C TYR C 232 -2.04 17.49 18.75
N PHE C 233 -2.92 18.39 18.24
CA PHE C 233 -2.58 19.78 17.91
C PHE C 233 -3.54 20.78 18.59
N CYS C 234 -3.00 21.91 19.07
CA CYS C 234 -3.79 23.06 19.52
C CYS C 234 -3.74 24.20 18.50
N GLN C 235 -4.71 25.13 18.62
CA GLN C 235 -4.85 26.20 17.63
C GLN C 235 -5.59 27.40 18.23
N GLN C 236 -4.94 28.58 18.26
CA GLN C 236 -5.61 29.78 18.74
C GLN C 236 -6.58 30.33 17.70
N GLY C 237 -7.75 30.78 18.17
CA GLY C 237 -8.75 31.35 17.29
C GLY C 237 -9.17 32.74 17.70
N ASN C 238 -8.21 33.59 18.04
CA ASN C 238 -8.46 34.94 18.53
C ASN C 238 -8.12 36.03 17.54
N THR C 239 -7.03 35.89 16.78
CA THR C 239 -6.59 36.90 15.82
C THR C 239 -6.21 36.21 14.52
N LEU C 240 -6.72 36.73 13.40
CA LEU C 240 -6.35 36.19 12.10
C LEU C 240 -4.89 36.56 11.79
N PRO C 241 -4.11 35.63 11.22
CA PRO C 241 -4.50 34.27 10.82
C PRO C 241 -4.51 33.29 11.98
N PRO C 242 -5.28 32.22 11.86
CA PRO C 242 -5.17 31.12 12.83
C PRO C 242 -3.82 30.44 12.74
N THR C 243 -3.32 30.00 13.89
CA THR C 243 -1.97 29.46 14.02
C THR C 243 -1.99 28.22 14.93
N PHE C 244 -1.20 27.21 14.57
CA PHE C 244 -1.21 25.88 15.18
C PHE C 244 0.10 25.63 15.92
N GLY C 245 0.05 24.74 16.96
CA GLY C 245 1.28 24.27 17.59
C GLY C 245 1.93 23.17 16.75
N ALA C 246 3.13 22.73 17.15
CA ALA C 246 3.86 21.71 16.39
C ALA C 246 3.54 20.26 16.79
N GLY C 247 2.65 20.02 17.75
CA GLY C 247 2.17 18.68 18.02
C GLY C 247 2.83 18.02 19.23
N THR C 248 2.10 17.04 19.81
CA THR C 248 2.63 16.06 20.76
C THR C 248 2.35 14.67 20.20
N LYS C 249 3.40 13.88 19.93
CA LYS C 249 3.24 12.51 19.48
C LYS C 249 3.10 11.56 20.67
N LEU C 250 1.93 10.92 20.79
CA LEU C 250 1.64 10.00 21.89
C LEU C 250 1.79 8.56 21.40
N GLU C 251 2.82 7.87 21.88
CA GLU C 251 3.22 6.56 21.36
C GLU C 251 3.06 5.47 22.41
N LEU C 252 3.05 4.21 21.93
CA LEU C 252 2.95 3.06 22.82
C LEU C 252 4.31 2.71 23.41
N LYS C 253 4.31 2.37 24.71
CA LYS C 253 5.53 1.94 25.35
C LYS C 253 5.83 0.48 25.00
N VAL D 2 15.35 -1.93 3.35
CA VAL D 2 16.53 -2.70 3.71
C VAL D 2 17.67 -1.78 4.14
N GLN D 3 18.24 -2.04 5.32
CA GLN D 3 19.32 -1.21 5.83
C GLN D 3 20.11 -1.96 6.89
N LEU D 4 21.42 -1.77 6.88
CA LEU D 4 22.34 -2.39 7.83
C LEU D 4 23.09 -1.30 8.58
N GLN D 5 23.04 -1.33 9.91
CA GLN D 5 23.59 -0.28 10.75
C GLN D 5 24.79 -0.82 11.53
N GLN D 6 25.95 -0.20 11.32
CA GLN D 6 27.20 -0.63 11.97
C GLN D 6 27.56 0.28 13.15
N SER D 7 28.33 -0.28 14.08
CA SER D 7 28.76 0.47 15.25
C SER D 7 29.87 1.47 14.86
N GLY D 8 30.33 2.24 15.85
CA GLY D 8 31.20 3.38 15.58
C GLY D 8 32.69 3.09 15.70
N ALA D 9 33.48 4.06 15.23
CA ALA D 9 34.94 3.92 15.20
C ALA D 9 35.51 3.61 16.58
N GLU D 10 36.65 2.94 16.60
CA GLU D 10 37.29 2.55 17.85
C GLU D 10 38.80 2.70 17.75
N LEU D 11 39.42 3.03 18.88
CA LEU D 11 40.87 3.02 19.04
C LEU D 11 41.27 1.84 19.92
N ALA D 12 42.35 1.16 19.53
CA ALA D 12 42.79 -0.02 20.25
C ALA D 12 44.32 -0.05 20.31
N LYS D 13 44.84 -0.76 21.37
CA LYS D 13 46.22 -1.02 21.71
C LYS D 13 46.67 -2.36 21.11
N PRO D 14 47.96 -2.50 20.79
CA PRO D 14 48.43 -3.76 20.21
C PRO D 14 48.34 -4.90 21.21
N GLY D 15 47.89 -6.07 20.72
CA GLY D 15 47.76 -7.25 21.53
C GLY D 15 46.35 -7.53 22.00
N ALA D 16 45.52 -6.50 22.12
CA ALA D 16 44.18 -6.61 22.69
C ALA D 16 43.19 -7.17 21.67
N SER D 17 41.94 -7.30 22.12
CA SER D 17 40.83 -7.80 21.32
C SER D 17 39.74 -6.72 21.29
N MET D 18 38.83 -6.85 20.32
CA MET D 18 37.71 -5.91 20.18
C MET D 18 36.55 -6.59 19.45
N LYS D 19 35.35 -6.00 19.59
CA LYS D 19 34.11 -6.53 19.03
C LYS D 19 33.30 -5.42 18.38
N MET D 20 32.75 -5.69 17.18
CA MET D 20 31.92 -4.74 16.43
C MET D 20 30.64 -5.44 15.98
N SER D 21 29.61 -4.65 15.67
CA SER D 21 28.29 -5.20 15.37
C SER D 21 27.71 -4.64 14.05
N CYS D 22 26.63 -5.30 13.61
CA CYS D 22 25.96 -5.01 12.34
C CYS D 22 24.50 -5.43 12.50
N ARG D 23 23.60 -4.46 12.67
CA ARG D 23 22.18 -4.72 12.84
C ARG D 23 21.38 -4.45 11.57
N ALA D 24 20.45 -5.35 11.24
CA ALA D 24 19.67 -5.28 10.02
C ALA D 24 18.22 -4.92 10.30
N SER D 25 17.58 -4.27 9.33
CA SER D 25 16.19 -3.85 9.45
C SER D 25 15.55 -3.75 8.06
N GLY D 26 14.29 -4.15 7.97
CA GLY D 26 13.52 -3.99 6.75
C GLY D 26 13.28 -5.26 5.94
N TYR D 27 13.64 -6.43 6.44
CA TYR D 27 13.45 -7.67 5.71
C TYR D 27 13.54 -8.83 6.69
N SER D 28 13.24 -10.03 6.19
CA SER D 28 13.32 -11.25 6.98
C SER D 28 14.78 -11.65 7.16
N PHE D 29 15.25 -11.64 8.42
CA PHE D 29 16.68 -11.68 8.71
C PHE D 29 17.28 -13.06 8.45
N THR D 30 16.56 -14.13 8.82
CA THR D 30 17.09 -15.48 8.80
C THR D 30 17.29 -16.03 7.39
N SER D 31 16.85 -15.32 6.35
CA SER D 31 16.73 -15.87 5.01
C SER D 31 17.80 -15.41 4.03
N TYR D 32 18.82 -14.67 4.49
CA TYR D 32 19.90 -14.17 3.63
C TYR D 32 21.23 -14.22 4.36
N TRP D 33 22.28 -14.66 3.67
CA TRP D 33 23.61 -14.64 4.25
C TRP D 33 24.04 -13.20 4.55
N ILE D 34 25.04 -13.08 5.45
CA ILE D 34 25.70 -11.81 5.75
C ILE D 34 27.20 -11.99 5.47
N HIS D 35 27.80 -11.01 4.80
CA HIS D 35 29.21 -11.02 4.44
C HIS D 35 29.98 -10.00 5.27
N TRP D 36 31.29 -10.22 5.41
CA TRP D 36 32.20 -9.26 6.01
C TRP D 36 33.42 -9.06 5.13
N LEU D 37 33.96 -7.83 5.14
CA LEU D 37 35.07 -7.42 4.28
C LEU D 37 35.93 -6.35 4.93
N LYS D 38 37.21 -6.28 4.53
CA LYS D 38 38.21 -5.34 5.02
C LYS D 38 38.81 -4.53 3.86
N GLN D 39 38.99 -3.23 4.09
CA GLN D 39 39.56 -2.31 3.09
C GLN D 39 40.66 -1.40 3.64
N ARG D 40 41.87 -1.59 3.21
CA ARG D 40 42.95 -0.74 3.67
C ARG D 40 43.14 0.51 2.83
N PRO D 41 44.01 1.41 3.29
CA PRO D 41 44.34 2.71 2.69
C PRO D 41 44.68 2.66 1.23
N ASP D 42 45.35 1.64 0.75
CA ASP D 42 45.70 1.62 -0.65
C ASP D 42 44.57 1.52 -1.64
N GLN D 43 44.05 0.31 -1.81
CA GLN D 43 43.02 0.16 -2.79
C GLN D 43 41.89 -0.74 -2.44
N GLY D 44 42.08 -1.98 -2.80
CA GLY D 44 41.10 -3.00 -2.69
C GLY D 44 40.68 -3.59 -1.40
N LEU D 45 39.55 -4.24 -1.56
CA LEU D 45 38.85 -4.94 -0.57
C LEU D 45 39.27 -6.38 -0.53
N GLU D 46 39.16 -6.96 0.65
CA GLU D 46 39.41 -8.36 0.97
C GLU D 46 38.19 -8.98 1.66
N TRP D 47 37.79 -10.16 1.19
CA TRP D 47 36.69 -10.92 1.78
C TRP D 47 37.15 -11.70 3.02
N ILE D 48 36.46 -11.50 4.15
CA ILE D 48 36.79 -12.24 5.39
C ILE D 48 36.01 -13.54 5.49
N GLY D 49 34.69 -13.49 5.39
CA GLY D 49 33.87 -14.71 5.44
C GLY D 49 32.38 -14.38 5.44
N TYR D 50 31.55 -15.42 5.64
CA TYR D 50 30.10 -15.25 5.70
C TYR D 50 29.49 -16.15 6.78
N ILE D 51 28.37 -15.71 7.35
CA ILE D 51 27.59 -16.54 8.27
C ILE D 51 26.15 -16.61 7.81
N ASP D 52 25.54 -17.79 7.95
CA ASP D 52 24.14 -18.02 7.64
C ASP D 52 23.31 -17.90 8.91
N PRO D 53 22.55 -16.82 9.09
CA PRO D 53 21.78 -16.64 10.35
C PRO D 53 20.83 -17.79 10.69
N ALA D 54 20.47 -18.63 9.73
CA ALA D 54 19.48 -19.67 10.00
C ALA D 54 20.07 -20.89 10.70
N THR D 55 21.37 -21.17 10.52
CA THR D 55 21.96 -22.42 10.99
C THR D 55 23.23 -22.27 11.83
N ALA D 56 23.77 -21.06 11.96
CA ALA D 56 25.05 -20.77 12.61
C ALA D 56 26.24 -21.34 11.86
N TYR D 57 26.03 -21.91 10.69
CA TYR D 57 27.16 -22.36 9.86
C TYR D 57 27.91 -21.15 9.33
N THR D 58 29.25 -21.26 9.27
CA THR D 58 30.10 -20.18 8.79
C THR D 58 31.20 -20.77 7.92
N GLU D 59 31.68 -19.94 6.98
CA GLU D 59 32.85 -20.20 6.14
C GLU D 59 33.77 -18.98 6.16
N SER D 60 35.07 -19.24 6.28
CA SER D 60 36.06 -18.17 6.46
C SER D 60 37.14 -18.26 5.39
N ASN D 61 37.63 -17.09 4.99
CA ASN D 61 38.86 -17.04 4.21
C ASN D 61 40.02 -17.58 5.06
N GLN D 62 40.80 -18.49 4.45
CA GLN D 62 41.95 -19.08 5.13
C GLN D 62 42.92 -18.03 5.66
N LYS D 63 42.96 -16.85 5.04
CA LYS D 63 43.86 -15.79 5.46
C LYS D 63 43.47 -15.20 6.82
N PHE D 64 42.21 -15.34 7.23
CA PHE D 64 41.70 -14.71 8.44
C PHE D 64 41.19 -15.73 9.46
N LYS D 65 41.69 -16.97 9.39
CA LYS D 65 41.07 -18.07 10.11
C LYS D 65 41.45 -18.11 11.59
N ASP D 66 42.66 -17.66 11.92
CA ASP D 66 43.06 -17.47 13.32
C ASP D 66 42.72 -16.09 13.86
N LYS D 67 42.36 -15.14 12.97
CA LYS D 67 42.23 -13.73 13.34
C LYS D 67 40.81 -13.33 13.72
N ALA D 68 39.79 -13.95 13.13
CA ALA D 68 38.43 -13.44 13.24
C ALA D 68 37.44 -14.57 13.57
N ILE D 69 36.32 -14.15 14.16
CA ILE D 69 35.24 -15.05 14.60
C ILE D 69 33.92 -14.34 14.34
N LEU D 70 32.98 -15.05 13.69
CA LEU D 70 31.69 -14.47 13.31
C LEU D 70 30.55 -15.21 13.99
N THR D 71 29.65 -14.46 14.62
CA THR D 71 28.47 -15.04 15.26
C THR D 71 27.22 -14.29 14.82
N ALA D 72 26.05 -14.77 15.26
CA ALA D 72 24.78 -14.14 14.94
C ALA D 72 23.79 -14.39 16.08
N ASP D 73 22.73 -13.59 16.12
CA ASP D 73 21.73 -13.66 17.20
C ASP D 73 20.37 -13.27 16.62
N ARG D 74 19.54 -14.28 16.34
CA ARG D 74 18.24 -14.03 15.71
C ARG D 74 17.32 -13.15 16.54
N SER D 75 17.55 -13.07 17.86
CA SER D 75 16.64 -12.32 18.72
C SER D 75 16.62 -10.84 18.34
N SER D 76 17.79 -10.20 18.31
CA SER D 76 17.88 -8.76 18.08
C SER D 76 18.31 -8.40 16.67
N ASN D 77 18.36 -9.37 15.74
CA ASN D 77 18.67 -9.10 14.33
C ASN D 77 20.06 -8.47 14.15
N THR D 78 21.09 -9.12 14.70
CA THR D 78 22.40 -8.51 14.78
C THR D 78 23.49 -9.55 14.57
N ALA D 79 24.55 -9.14 13.85
CA ALA D 79 25.72 -9.97 13.58
C ALA D 79 26.96 -9.28 14.12
N PHE D 80 27.96 -10.08 14.48
CA PHE D 80 29.14 -9.54 15.15
C PHE D 80 30.41 -10.14 14.56
N MET D 81 31.48 -9.37 14.60
CA MET D 81 32.82 -9.86 14.29
C MET D 81 33.72 -9.59 15.50
N TYR D 82 34.56 -10.57 15.84
CA TYR D 82 35.55 -10.42 16.88
C TYR D 82 36.93 -10.57 16.26
N LEU D 83 37.85 -9.67 16.66
CA LEU D 83 39.25 -9.71 16.22
C LEU D 83 40.14 -9.79 17.45
N ASN D 84 41.27 -10.51 17.33
CA ASN D 84 42.22 -10.70 18.43
C ASN D 84 43.66 -10.40 17.98
N SER D 85 44.57 -10.31 18.97
CA SER D 85 46.01 -10.12 18.71
C SER D 85 46.30 -8.92 17.80
N LEU D 86 45.62 -7.80 18.05
CA LEU D 86 45.59 -6.70 17.10
C LEU D 86 46.99 -6.13 16.84
N THR D 87 47.26 -5.86 15.56
CA THR D 87 48.54 -5.33 15.08
C THR D 87 48.27 -4.11 14.21
N SER D 88 49.34 -3.38 13.89
CA SER D 88 49.19 -2.17 13.06
C SER D 88 48.68 -2.53 11.66
N GLU D 89 48.94 -3.75 11.20
CA GLU D 89 48.39 -4.23 9.93
C GLU D 89 46.91 -4.54 9.99
N ASP D 90 46.27 -4.32 11.15
CA ASP D 90 44.83 -4.51 11.28
C ASP D 90 44.05 -3.19 11.21
N SER D 91 44.74 -2.04 11.23
CA SER D 91 44.07 -0.76 11.04
C SER D 91 43.45 -0.68 9.64
N ALA D 92 42.14 -0.43 9.58
CA ALA D 92 41.39 -0.52 8.32
C ALA D 92 39.95 -0.08 8.55
N VAL D 93 39.19 -0.02 7.45
CA VAL D 93 37.72 0.11 7.49
C VAL D 93 37.09 -1.24 7.20
N TYR D 94 36.17 -1.69 8.07
CA TYR D 94 35.46 -2.97 7.95
C TYR D 94 34.00 -2.77 7.57
N TYR D 95 33.47 -3.64 6.68
CA TYR D 95 32.08 -3.57 6.22
C TYR D 95 31.34 -4.89 6.42
N CYS D 96 30.01 -4.81 6.61
CA CYS D 96 29.10 -5.95 6.43
C CYS D 96 28.18 -5.71 5.24
N ALA D 97 27.68 -6.79 4.62
CA ALA D 97 26.85 -6.68 3.43
C ALA D 97 26.06 -7.97 3.16
N ARG D 98 24.84 -7.81 2.69
CA ARG D 98 23.92 -8.92 2.41
C ARG D 98 24.01 -9.57 1.03
N GLU D 99 23.91 -10.89 1.00
CA GLU D 99 23.92 -11.64 -0.25
C GLU D 99 22.55 -11.55 -0.89
N SER D 100 22.52 -11.34 -2.19
CA SER D 100 21.29 -11.17 -2.91
C SER D 100 20.38 -12.37 -2.91
N PRO D 101 19.09 -12.14 -3.13
CA PRO D 101 18.08 -13.19 -3.21
C PRO D 101 18.40 -14.09 -4.37
N ARG D 102 18.26 -15.40 -4.20
CA ARG D 102 18.57 -16.36 -5.24
C ARG D 102 17.34 -16.99 -5.89
N TYR D 108 23.82 -19.31 -6.82
CA TYR D 108 24.41 -18.20 -6.09
C TYR D 108 25.34 -17.37 -6.95
N TYR D 109 25.08 -16.07 -7.05
CA TYR D 109 25.97 -15.17 -7.78
C TYR D 109 27.14 -14.70 -6.93
N TYR D 110 27.02 -14.79 -5.60
CA TYR D 110 27.94 -14.11 -4.68
C TYR D 110 28.01 -12.62 -5.01
N ALA D 111 26.82 -12.01 -5.12
CA ALA D 111 26.66 -10.59 -5.38
C ALA D 111 25.94 -9.95 -4.20
N MET D 112 26.50 -8.83 -3.70
CA MET D 112 26.11 -8.26 -2.40
C MET D 112 25.28 -6.99 -2.63
N ASP D 113 23.96 -7.12 -2.44
CA ASP D 113 23.03 -6.10 -2.91
C ASP D 113 22.80 -4.95 -1.93
N TYR D 114 23.21 -5.05 -0.66
CA TYR D 114 23.12 -3.91 0.24
C TYR D 114 24.29 -3.90 1.23
N TRP D 115 24.81 -2.71 1.53
CA TRP D 115 26.01 -2.52 2.35
C TRP D 115 25.74 -1.63 3.55
N GLY D 116 26.41 -1.93 4.67
CA GLY D 116 26.52 -0.98 5.77
C GLY D 116 27.53 0.13 5.46
N GLN D 117 27.68 1.07 6.40
CA GLN D 117 28.44 2.28 6.13
C GLN D 117 29.92 2.21 6.53
N GLY D 118 30.31 1.26 7.40
CA GLY D 118 31.72 1.09 7.74
C GLY D 118 32.11 1.35 9.19
N THR D 119 33.14 0.64 9.68
CA THR D 119 33.69 0.85 11.02
C THR D 119 35.20 1.09 10.89
N THR D 120 35.65 2.30 11.23
CA THR D 120 37.07 2.61 11.22
C THR D 120 37.72 2.11 12.52
N VAL D 121 38.84 1.40 12.37
CA VAL D 121 39.58 0.85 13.51
C VAL D 121 41.04 1.27 13.39
N THR D 122 41.61 1.79 14.47
CA THR D 122 43.00 2.23 14.47
C THR D 122 43.75 1.59 15.62
N VAL D 123 44.83 0.87 15.31
CA VAL D 123 45.71 0.27 16.29
C VAL D 123 46.89 1.20 16.52
N SER D 124 47.19 1.49 17.80
CA SER D 124 48.36 2.30 18.13
C SER D 124 48.60 2.24 19.64
N SER D 125 49.78 2.70 20.04
CA SER D 125 50.13 2.80 21.46
C SER D 125 50.41 4.25 21.86
N ASP D 147 42.77 -16.85 -4.42
CA ASP D 147 43.52 -17.49 -5.49
C ASP D 147 43.38 -16.79 -6.85
N ILE D 148 42.15 -16.55 -7.31
CA ILE D 148 41.93 -15.94 -8.63
C ILE D 148 42.18 -14.44 -8.56
N GLN D 149 42.97 -13.93 -9.49
CA GLN D 149 43.46 -12.56 -9.47
C GLN D 149 42.76 -11.71 -10.54
N MET D 150 42.35 -10.51 -10.15
CA MET D 150 41.59 -9.59 -11.00
C MET D 150 42.42 -8.33 -11.28
N THR D 151 42.59 -8.00 -12.56
CA THR D 151 43.41 -6.87 -13.02
C THR D 151 42.53 -5.81 -13.67
N GLN D 152 42.44 -4.63 -13.03
CA GLN D 152 41.65 -3.50 -13.50
C GLN D 152 42.53 -2.44 -14.14
N THR D 153 42.18 -1.99 -15.36
CA THR D 153 42.91 -0.94 -16.07
C THR D 153 41.96 0.06 -16.72
N PRO D 154 42.27 1.37 -16.68
CA PRO D 154 43.44 1.96 -16.01
C PRO D 154 43.19 2.20 -14.52
N SER D 155 44.23 2.57 -13.76
CA SER D 155 44.03 2.74 -12.32
C SER D 155 43.36 4.06 -11.97
N SER D 156 43.38 5.04 -12.89
CA SER D 156 42.68 6.31 -12.73
C SER D 156 42.44 6.91 -14.12
N LEU D 157 41.59 7.94 -14.17
CA LEU D 157 41.20 8.55 -15.44
C LEU D 157 40.56 9.91 -15.19
N SER D 158 40.83 10.87 -16.07
CA SER D 158 40.21 12.18 -16.06
C SER D 158 39.44 12.41 -17.37
N ALA D 159 38.31 13.12 -17.29
CA ALA D 159 37.38 13.20 -18.40
C ALA D 159 36.39 14.33 -18.15
N SER D 160 35.59 14.63 -19.17
CA SER D 160 34.67 15.77 -19.15
C SER D 160 33.22 15.32 -19.14
N LEU D 161 32.36 16.22 -18.64
CA LEU D 161 30.93 15.94 -18.59
C LEU D 161 30.37 15.68 -20.00
N GLY D 162 29.58 14.63 -20.12
CA GLY D 162 29.03 14.22 -21.40
C GLY D 162 29.91 13.28 -22.20
N ASP D 163 31.14 13.01 -21.75
CA ASP D 163 31.98 12.03 -22.43
C ASP D 163 31.45 10.61 -22.19
N ARG D 164 32.07 9.64 -22.89
CA ARG D 164 31.70 8.23 -22.88
C ARG D 164 32.92 7.43 -22.44
N VAL D 165 32.76 6.63 -21.37
CA VAL D 165 33.88 6.08 -20.60
C VAL D 165 33.78 4.56 -20.56
N THR D 166 34.91 3.87 -20.84
CA THR D 166 35.01 2.42 -20.76
C THR D 166 36.20 2.03 -19.89
N ILE D 167 35.97 1.15 -18.90
CA ILE D 167 37.02 0.62 -18.02
C ILE D 167 37.03 -0.92 -18.09
N SER D 168 38.21 -1.50 -17.90
CA SER D 168 38.44 -2.93 -18.17
C SER D 168 38.82 -3.72 -16.91
N CYS D 169 38.47 -5.02 -16.92
CA CYS D 169 38.75 -5.96 -15.83
C CYS D 169 39.06 -7.33 -16.41
N ARG D 170 40.18 -7.93 -16.01
CA ARG D 170 40.66 -9.20 -16.56
C ARG D 170 40.93 -10.21 -15.45
N ALA D 171 40.46 -11.45 -15.66
CA ALA D 171 40.59 -12.51 -14.68
C ALA D 171 41.69 -13.49 -15.09
N SER D 172 42.35 -14.08 -14.09
CA SER D 172 43.40 -15.06 -14.33
C SER D 172 42.87 -16.45 -14.66
N GLN D 173 41.57 -16.68 -14.52
CA GLN D 173 40.97 -17.94 -14.92
C GLN D 173 39.61 -17.65 -15.55
N ASP D 174 39.16 -18.57 -16.40
CA ASP D 174 37.79 -18.50 -16.92
C ASP D 174 36.81 -18.56 -15.76
N ILE D 175 35.93 -17.56 -15.67
CA ILE D 175 34.97 -17.47 -14.57
C ILE D 175 33.52 -17.51 -15.06
N SER D 176 33.28 -17.95 -16.30
CA SER D 176 31.94 -18.33 -16.78
C SER D 176 30.85 -17.29 -16.47
N ASN D 177 31.19 -16.01 -16.64
CA ASN D 177 30.30 -14.83 -16.58
C ASN D 177 29.87 -14.42 -15.16
N TYR D 178 30.38 -15.02 -14.09
CA TYR D 178 30.01 -14.60 -12.74
C TYR D 178 30.87 -13.41 -12.31
N LEU D 179 30.50 -12.23 -12.82
CA LEU D 179 31.25 -10.99 -12.56
C LEU D 179 30.28 -9.84 -12.28
N ASN D 180 30.54 -9.10 -11.20
CA ASN D 180 29.72 -8.01 -10.68
C ASN D 180 30.53 -6.72 -10.59
N TRP D 181 29.85 -5.56 -10.46
CA TRP D 181 30.50 -4.24 -10.37
C TRP D 181 29.93 -3.40 -9.23
N TYR D 182 30.79 -2.72 -8.44
CA TYR D 182 30.36 -1.84 -7.35
C TYR D 182 30.88 -0.41 -7.54
N GLN D 183 30.19 0.55 -6.88
CA GLN D 183 30.54 1.97 -6.91
C GLN D 183 30.69 2.52 -5.50
N GLN D 184 31.83 3.19 -5.23
CA GLN D 184 32.16 3.75 -3.90
C GLN D 184 32.42 5.25 -4.03
N LYS D 185 31.56 6.05 -3.37
CA LYS D 185 31.60 7.51 -3.40
C LYS D 185 32.66 8.05 -2.43
N PRO D 186 33.03 9.33 -2.58
CA PRO D 186 34.07 9.89 -1.69
C PRO D 186 33.75 9.82 -0.21
N ASP D 187 32.48 9.87 0.18
CA ASP D 187 32.18 9.77 1.61
C ASP D 187 32.24 8.33 2.12
N GLY D 188 32.55 7.36 1.26
CA GLY D 188 32.82 6.00 1.69
C GLY D 188 31.71 5.00 1.50
N THR D 189 30.51 5.42 1.10
CA THR D 189 29.39 4.52 0.90
C THR D 189 29.51 3.73 -0.40
N VAL D 190 28.91 2.53 -0.41
CA VAL D 190 29.09 1.55 -1.48
C VAL D 190 27.72 1.11 -1.99
N LYS D 191 27.60 0.91 -3.30
CA LYS D 191 26.34 0.53 -3.93
C LYS D 191 26.58 -0.42 -5.10
N LEU D 192 25.72 -1.41 -5.22
CA LEU D 192 25.80 -2.37 -6.32
C LEU D 192 25.25 -1.75 -7.60
N LEU D 193 25.94 -2.01 -8.72
CA LEU D 193 25.55 -1.52 -10.04
C LEU D 193 25.09 -2.64 -10.96
N ILE D 194 25.96 -3.64 -11.21
CA ILE D 194 25.71 -4.68 -12.21
C ILE D 194 26.15 -6.03 -11.66
N TYR D 195 25.35 -7.08 -11.93
CA TYR D 195 25.64 -8.45 -11.52
C TYR D 195 25.44 -9.41 -12.69
N TYR D 196 26.19 -10.50 -12.66
CA TYR D 196 26.16 -11.52 -13.72
C TYR D 196 26.45 -10.90 -15.09
N THR D 197 27.50 -10.07 -15.14
CA THR D 197 28.09 -9.46 -16.34
C THR D 197 27.29 -8.27 -16.85
N SER D 198 26.00 -8.46 -17.10
CA SER D 198 25.19 -7.46 -17.80
C SER D 198 23.87 -7.10 -17.14
N ARG D 199 23.46 -7.78 -16.07
CA ARG D 199 22.15 -7.52 -15.47
C ARG D 199 22.21 -6.32 -14.53
N LEU D 200 21.20 -5.45 -14.64
CA LEU D 200 21.22 -4.18 -13.92
C LEU D 200 20.52 -4.30 -12.57
N HIS D 201 21.19 -3.86 -11.51
CA HIS D 201 20.56 -3.78 -10.21
C HIS D 201 19.45 -2.73 -10.23
N SER D 202 18.46 -2.91 -9.34
CA SER D 202 17.28 -2.04 -9.35
C SER D 202 17.66 -0.61 -8.99
N GLY D 203 17.05 0.35 -9.69
CA GLY D 203 17.26 1.76 -9.45
C GLY D 203 18.51 2.35 -10.09
N VAL D 204 19.30 1.55 -10.81
CA VAL D 204 20.51 2.04 -11.45
C VAL D 204 20.14 2.69 -12.78
N PRO D 205 20.56 3.94 -13.02
CA PRO D 205 20.25 4.63 -14.26
C PRO D 205 20.71 3.92 -15.52
N SER D 206 20.09 4.24 -16.63
CA SER D 206 20.36 3.58 -17.90
C SER D 206 21.68 3.75 -18.60
N ARG D 207 22.43 4.78 -18.30
CA ARG D 207 23.69 4.97 -18.94
C ARG D 207 24.75 3.93 -18.57
N PHE D 208 24.42 2.99 -17.68
CA PHE D 208 25.38 1.99 -17.24
C PHE D 208 25.14 0.67 -17.95
N SER D 209 26.20 0.08 -18.51
CA SER D 209 26.10 -1.26 -19.11
C SER D 209 27.42 -2.00 -18.93
N GLY D 210 27.34 -3.34 -18.91
CA GLY D 210 28.52 -4.17 -18.85
C GLY D 210 28.42 -5.37 -19.78
N SER D 211 29.59 -5.94 -20.10
CA SER D 211 29.70 -6.99 -21.11
C SER D 211 30.95 -7.84 -20.85
N GLY D 212 30.99 -9.00 -21.50
CA GLY D 212 32.18 -9.83 -21.47
C GLY D 212 31.87 -11.31 -21.49
N SER D 213 32.94 -12.10 -21.64
CA SER D 213 32.85 -13.55 -21.56
C SER D 213 34.24 -14.12 -21.30
N GLY D 214 34.28 -15.35 -20.78
CA GLY D 214 35.53 -16.01 -20.48
C GLY D 214 36.35 -15.33 -19.39
N THR D 215 37.39 -14.61 -19.77
CA THR D 215 38.26 -13.93 -18.83
C THR D 215 38.32 -12.42 -18.99
N ASP D 216 37.62 -11.85 -19.98
CA ASP D 216 37.70 -10.43 -20.32
C ASP D 216 36.33 -9.77 -20.18
N TYR D 217 36.28 -8.64 -19.45
CA TYR D 217 35.03 -7.96 -19.12
C TYR D 217 35.26 -6.45 -19.06
N SER D 218 34.17 -5.68 -19.18
CA SER D 218 34.29 -4.22 -19.11
C SER D 218 32.96 -3.59 -18.69
N LEU D 219 33.06 -2.32 -18.27
CA LEU D 219 31.93 -1.45 -17.93
C LEU D 219 32.02 -0.17 -18.75
N THR D 220 30.87 0.29 -19.26
CA THR D 220 30.78 1.55 -20.01
C THR D 220 29.79 2.48 -19.34
N ILE D 221 30.15 3.77 -19.27
CA ILE D 221 29.25 4.87 -18.90
C ILE D 221 29.07 5.74 -20.13
N SER D 222 27.81 5.97 -20.55
CA SER D 222 27.62 6.48 -21.90
C SER D 222 27.72 8.01 -22.00
N ASN D 223 27.13 8.73 -21.05
CA ASN D 223 27.18 10.20 -21.04
C ASN D 223 27.43 10.65 -19.60
N LEU D 224 28.70 10.87 -19.28
CA LEU D 224 29.14 11.10 -17.91
C LEU D 224 28.46 12.31 -17.27
N GLU D 225 28.04 12.15 -16.02
CA GLU D 225 27.46 13.22 -15.22
C GLU D 225 28.23 13.42 -13.91
N GLN D 226 28.02 14.59 -13.32
CA GLN D 226 28.73 14.97 -12.10
C GLN D 226 28.57 13.93 -11.00
N GLU D 227 27.38 13.33 -10.88
CA GLU D 227 27.14 12.37 -9.82
C GLU D 227 27.89 11.05 -10.03
N ASP D 228 28.48 10.84 -11.21
CA ASP D 228 29.21 9.61 -11.49
C ASP D 228 30.66 9.63 -11.00
N ILE D 229 31.14 10.76 -10.48
CA ILE D 229 32.52 10.92 -10.03
C ILE D 229 32.74 10.09 -8.77
N ALA D 230 33.61 9.06 -8.84
CA ALA D 230 33.75 8.04 -7.80
C ALA D 230 34.84 7.02 -8.14
N THR D 231 34.91 5.92 -7.38
CA THR D 231 35.81 4.79 -7.66
C THR D 231 35.00 3.51 -7.92
N TYR D 232 35.47 2.68 -8.86
CA TYR D 232 34.73 1.52 -9.35
C TYR D 232 35.56 0.24 -9.20
N PHE D 233 34.90 -0.87 -8.81
CA PHE D 233 35.54 -2.17 -8.53
C PHE D 233 34.82 -3.31 -9.26
N CYS D 234 35.60 -4.31 -9.72
CA CYS D 234 35.07 -5.57 -10.23
C CYS D 234 35.32 -6.71 -9.24
N GLN D 235 34.56 -7.80 -9.39
CA GLN D 235 34.55 -8.87 -8.36
C GLN D 235 34.02 -10.18 -8.94
N GLN D 236 34.83 -11.24 -8.91
CA GLN D 236 34.40 -12.57 -9.37
C GLN D 236 33.70 -13.36 -8.26
N GLY D 237 32.64 -14.06 -8.65
CA GLY D 237 31.90 -14.91 -7.73
C GLY D 237 31.73 -16.32 -8.27
N ASN D 238 32.76 -16.82 -8.96
CA ASN D 238 32.73 -18.18 -9.51
C ASN D 238 33.30 -19.20 -8.53
N THR D 239 34.26 -18.80 -7.70
CA THR D 239 35.03 -19.71 -6.86
C THR D 239 35.32 -19.03 -5.53
N LEU D 240 35.31 -19.83 -4.43
CA LEU D 240 35.72 -19.30 -3.12
C LEU D 240 37.25 -19.28 -3.02
N PRO D 241 37.84 -18.24 -2.42
CA PRO D 241 37.13 -17.05 -1.93
C PRO D 241 36.86 -16.01 -3.02
N PRO D 242 35.79 -15.23 -2.86
CA PRO D 242 35.56 -14.10 -3.77
C PRO D 242 36.76 -13.16 -3.71
N THR D 243 37.03 -12.49 -4.84
CA THR D 243 38.19 -11.62 -4.94
C THR D 243 37.87 -10.39 -5.78
N PHE D 244 38.48 -9.25 -5.42
CA PHE D 244 38.22 -7.95 -6.01
C PHE D 244 39.44 -7.41 -6.75
N GLY D 245 39.18 -6.56 -7.76
CA GLY D 245 40.24 -5.78 -8.36
C GLY D 245 40.57 -4.56 -7.52
N ALA D 246 41.61 -3.84 -7.92
CA ALA D 246 42.12 -2.74 -7.09
C ALA D 246 41.44 -1.40 -7.37
N GLY D 247 40.55 -1.32 -8.37
CA GLY D 247 39.71 -0.15 -8.55
C GLY D 247 40.21 0.80 -9.65
N THR D 248 39.26 1.59 -10.18
CA THR D 248 39.54 2.70 -11.08
C THR D 248 38.94 3.98 -10.50
N LYS D 249 39.78 4.98 -10.23
CA LYS D 249 39.30 6.28 -9.76
C LYS D 249 39.06 7.21 -10.95
N LEU D 250 38.01 8.04 -10.85
CA LEU D 250 37.48 8.79 -11.98
C LEU D 250 37.22 10.23 -11.54
N GLU D 251 37.89 11.19 -12.19
CA GLU D 251 37.80 12.61 -11.83
C GLU D 251 37.60 13.47 -13.07
N LEU D 252 37.30 14.75 -12.85
CA LEU D 252 37.05 15.70 -13.93
C LEU D 252 38.35 16.33 -14.43
N LYS D 253 38.27 16.97 -15.60
CA LYS D 253 39.37 17.78 -16.12
C LYS D 253 39.69 18.94 -15.18
#